data_4A5P
#
_entry.id   4A5P
#
_cell.length_a   160.610
_cell.length_b   160.610
_cell.length_c   100.490
_cell.angle_alpha   90.00
_cell.angle_beta   90.00
_cell.angle_gamma   120.00
#
_symmetry.space_group_name_H-M   'P 63'
#
loop_
_entity.id
_entity.type
_entity.pdbx_description
1 polymer 'PROTEIN MXIA'
2 non-polymer 1,2-ETHANEDIOL
3 water water
#
_entity_poly.entity_id   1
_entity_poly.type   'polypeptide(L)'
_entity_poly.pdbx_seq_one_letter_code
;MGSSHHHHHHSQDPVVEKEKSLSESDSSGYTGTFDIDNSHDSSLAMIENLDAISSETVPLILLFAENKINANDMEGLIER
IRSQFFIDYGVRLPTILYRTSNEL(MLY)VDDIVLLINEVRADSFNIYFD(MLY)VCITDENGDIDALGIPVVSTSYNER
VISWVDVSYTENLTNIDA(MLY)I(MLY)SAQDEFYHQLSQALLNNINEIFGIQETKNMLDQFENRYPDLL(MLY)EVFR
HVTIQRISEVLQRLLGENISVRNLKLIMESLALWAPRE(MLY)DVITLVEHVRASLSRYICSKIAVSGEI(MLY)VVMLS
GYIEDAIR(MLY)GIRQTSGGSFLNMDIEVSDEVMETLAHALRELRNA(MLY)(MLY)NFVLLVSVDIRRFV(MLY)RLI
DNRF(MLY)SILVISYAEIDEAYTINVL(MLY)TI
;
_entity_poly.pdbx_strand_id   A,B,C
#
# COMPACT_ATOMS: atom_id res chain seq x y z
N SER A 54 2.91 12.04 -18.12
CA SER A 54 4.03 11.10 -18.22
C SER A 54 3.90 9.97 -17.19
N SER A 55 4.26 8.73 -17.60
CA SER A 55 4.21 7.54 -16.76
C SER A 55 5.26 7.56 -15.65
N GLU A 56 6.45 8.13 -15.94
CA GLU A 56 7.57 8.24 -15.00
C GLU A 56 7.89 9.71 -14.70
N THR A 57 8.29 9.99 -13.44
CA THR A 57 8.65 11.34 -12.96
C THR A 57 9.95 11.83 -13.61
N VAL A 58 10.07 13.17 -13.79
CA VAL A 58 11.25 13.81 -14.38
C VAL A 58 12.44 13.63 -13.41
N PRO A 59 13.55 12.98 -13.85
CA PRO A 59 14.71 12.69 -13.00
C PRO A 59 15.40 13.94 -12.42
N LEU A 60 15.67 14.97 -13.25
CA LEU A 60 16.35 16.19 -12.81
C LEU A 60 15.67 17.45 -13.33
N ILE A 61 15.35 18.38 -12.41
CA ILE A 61 14.70 19.68 -12.71
C ILE A 61 15.46 20.79 -11.97
N LEU A 62 15.85 21.85 -12.70
CA LEU A 62 16.54 22.99 -12.11
C LEU A 62 15.72 24.26 -12.29
N LEU A 63 15.13 24.75 -11.19
CA LEU A 63 14.31 25.96 -11.17
C LEU A 63 15.20 27.20 -11.01
N PHE A 64 15.04 28.17 -11.91
CA PHE A 64 15.81 29.41 -11.93
C PHE A 64 14.89 30.65 -11.76
N ALA A 65 15.51 31.84 -11.66
CA ALA A 65 14.81 33.12 -11.50
C ALA A 65 14.09 33.52 -12.79
N GLU A 66 12.92 34.19 -12.65
CA GLU A 66 12.12 34.65 -13.79
C GLU A 66 12.77 35.90 -14.40
N ASN A 67 13.81 35.69 -15.23
CA ASN A 67 14.56 36.75 -15.91
C ASN A 67 14.66 36.46 -17.41
N ALA A 71 18.49 33.90 -21.35
CA ALA A 71 19.07 33.52 -22.64
C ALA A 71 19.18 31.99 -22.77
N ASN A 72 19.42 31.50 -24.02
CA ASN A 72 19.56 30.08 -24.32
C ASN A 72 20.96 29.53 -23.94
N ASP A 73 21.78 30.34 -23.24
CA ASP A 73 23.11 29.98 -22.75
C ASP A 73 23.00 28.99 -21.57
N MET A 74 21.79 28.90 -20.97
CA MET A 74 21.44 28.01 -19.85
C MET A 74 21.56 26.54 -20.26
N GLU A 75 21.25 26.24 -21.54
CA GLU A 75 21.36 24.89 -22.10
C GLU A 75 22.83 24.48 -22.25
N GLY A 76 23.70 25.46 -22.52
CA GLY A 76 25.15 25.25 -22.64
C GLY A 76 25.72 24.93 -21.26
N LEU A 77 25.22 25.62 -20.21
CA LEU A 77 25.60 25.45 -18.80
C LEU A 77 25.24 24.04 -18.31
N ILE A 78 24.00 23.58 -18.63
CA ILE A 78 23.48 22.26 -18.25
C ILE A 78 24.35 21.15 -18.87
N GLU A 79 24.69 21.27 -20.17
CA GLU A 79 25.51 20.30 -20.89
C GLU A 79 26.98 20.32 -20.43
N ARG A 80 27.48 21.50 -19.96
CA ARG A 80 28.84 21.63 -19.43
C ARG A 80 28.94 20.93 -18.08
N ILE A 81 27.86 21.00 -17.26
CA ILE A 81 27.74 20.35 -15.95
C ILE A 81 27.67 18.83 -16.15
N ARG A 82 26.82 18.38 -17.11
CA ARG A 82 26.64 16.97 -17.47
C ARG A 82 27.94 16.33 -17.97
N SER A 83 28.73 17.10 -18.76
CA SER A 83 30.01 16.64 -19.32
C SER A 83 31.09 16.56 -18.25
N GLN A 84 31.20 17.61 -17.39
CA GLN A 84 32.20 17.68 -16.31
C GLN A 84 31.99 16.60 -15.24
N PHE A 85 30.72 16.23 -14.96
CA PHE A 85 30.37 15.19 -13.99
C PHE A 85 30.87 13.81 -14.46
N PHE A 86 30.94 13.60 -15.80
CA PHE A 86 31.45 12.36 -16.39
C PHE A 86 32.99 12.38 -16.39
N ILE A 87 33.60 13.58 -16.44
CA ILE A 87 35.07 13.73 -16.42
C ILE A 87 35.55 13.51 -14.97
N ASP A 88 34.83 14.09 -13.99
CA ASP A 88 35.17 14.02 -12.57
C ASP A 88 34.73 12.73 -11.88
N TYR A 89 33.59 12.13 -12.28
CA TYR A 89 33.07 10.92 -11.60
C TYR A 89 32.80 9.73 -12.54
N GLY A 90 32.54 9.99 -13.84
CA GLY A 90 32.27 8.91 -14.81
C GLY A 90 30.83 8.41 -14.76
N VAL A 91 29.86 9.31 -14.52
CA VAL A 91 28.44 8.99 -14.45
C VAL A 91 27.68 9.85 -15.46
N ARG A 92 26.98 9.20 -16.40
CA ARG A 92 26.18 9.89 -17.42
C ARG A 92 24.86 10.32 -16.78
N LEU A 93 24.80 11.60 -16.37
CA LEU A 93 23.63 12.19 -15.72
C LEU A 93 22.42 12.26 -16.67
N PRO A 94 21.17 12.18 -16.13
CA PRO A 94 19.99 12.31 -16.99
C PRO A 94 19.85 13.78 -17.43
N THR A 95 19.17 14.01 -18.55
CA THR A 95 18.96 15.34 -19.11
C THR A 95 18.18 16.22 -18.12
N ILE A 96 18.81 17.33 -17.70
CA ILE A 96 18.27 18.27 -16.71
C ILE A 96 17.25 19.21 -17.38
N LEU A 97 16.08 19.36 -16.75
CA LEU A 97 15.00 20.23 -17.22
C LEU A 97 15.17 21.65 -16.67
N TYR A 98 15.17 22.65 -17.57
CA TYR A 98 15.31 24.06 -17.21
C TYR A 98 13.91 24.69 -17.08
N ARG A 99 13.66 25.33 -15.93
CA ARG A 99 12.40 26.00 -15.61
C ARG A 99 12.63 27.33 -14.89
N THR A 100 11.65 28.24 -14.98
CA THR A 100 11.71 29.57 -14.34
C THR A 100 10.52 29.75 -13.39
N SER A 101 10.78 30.36 -12.22
CA SER A 101 9.76 30.62 -11.20
C SER A 101 9.82 32.08 -10.73
N ASN A 102 8.63 32.69 -10.57
CA ASN A 102 8.49 34.08 -10.11
C ASN A 102 8.59 34.15 -8.58
N GLU A 103 8.39 33.00 -7.89
CA GLU A 103 8.45 32.87 -6.44
C GLU A 103 9.90 32.94 -5.92
N LEU A 104 10.87 32.49 -6.74
CA LEU A 104 12.30 32.46 -6.38
C LEU A 104 12.99 33.80 -6.61
N VAL A 106 16.39 36.43 -7.41
CA VAL A 106 17.29 36.62 -8.55
C VAL A 106 18.57 35.74 -8.43
N ASP A 107 18.93 35.30 -7.21
CA ASP A 107 20.12 34.48 -6.94
C ASP A 107 19.77 33.02 -6.60
N ASP A 108 18.51 32.73 -6.22
CA ASP A 108 18.04 31.40 -5.82
C ASP A 108 17.88 30.42 -7.00
N ILE A 109 18.41 29.19 -6.81
CA ILE A 109 18.35 28.06 -7.75
C ILE A 109 17.96 26.82 -6.92
N VAL A 110 16.91 26.08 -7.35
CA VAL A 110 16.43 24.90 -6.63
C VAL A 110 16.55 23.65 -7.51
N LEU A 111 17.19 22.59 -6.96
CA LEU A 111 17.37 21.29 -7.62
C LEU A 111 16.25 20.33 -7.20
N LEU A 112 15.60 19.69 -8.19
CA LEU A 112 14.52 18.75 -7.94
C LEU A 112 14.85 17.37 -8.52
N ILE A 113 14.91 16.36 -7.63
CA ILE A 113 15.20 14.97 -8.01
C ILE A 113 13.88 14.19 -7.85
N ASN A 114 13.36 13.65 -8.98
CA ASN A 114 12.11 12.90 -9.10
C ASN A 114 10.90 13.77 -8.68
N GLU A 115 10.88 15.04 -9.20
CA GLU A 115 9.86 16.08 -8.98
C GLU A 115 9.68 16.44 -7.49
N VAL A 116 10.72 16.22 -6.66
CA VAL A 116 10.75 16.51 -5.21
C VAL A 116 11.97 17.40 -4.93
N ARG A 117 11.79 18.46 -4.11
CA ARG A 117 12.85 19.40 -3.72
C ARG A 117 13.99 18.66 -2.99
N ALA A 118 15.24 18.85 -3.47
CA ALA A 118 16.42 18.19 -2.90
C ALA A 118 17.40 19.18 -2.28
N ASP A 119 17.77 20.26 -3.01
CA ASP A 119 18.73 21.25 -2.52
C ASP A 119 18.49 22.64 -3.13
N SER A 120 18.82 23.69 -2.37
CA SER A 120 18.71 25.10 -2.78
C SER A 120 20.10 25.74 -2.82
N PHE A 121 20.33 26.62 -3.81
CA PHE A 121 21.62 27.28 -4.03
C PHE A 121 21.48 28.80 -4.17
N ASN A 122 22.54 29.54 -3.83
CA ASN A 122 22.63 31.01 -3.93
C ASN A 122 23.87 31.37 -4.75
N ILE A 123 23.69 31.56 -6.07
CA ILE A 123 24.77 31.85 -7.01
C ILE A 123 24.47 33.14 -7.80
N TYR A 124 25.49 34.02 -7.91
CA TYR A 124 25.43 35.27 -8.67
C TYR A 124 26.24 35.08 -9.96
N PHE A 125 25.54 34.82 -11.08
CA PHE A 125 26.15 34.55 -12.40
C PHE A 125 26.92 35.74 -13.00
N ASP A 126 26.69 36.97 -12.49
CA ASP A 126 27.37 38.18 -12.96
C ASP A 126 28.54 38.56 -12.04
N VAL A 128 32.08 37.08 -9.27
CA VAL A 128 33.17 36.13 -9.06
C VAL A 128 33.39 35.97 -7.54
N CYS A 129 33.48 34.71 -7.06
CA CYS A 129 33.68 34.40 -5.64
C CYS A 129 35.06 33.79 -5.38
N ILE A 130 35.56 33.93 -4.14
CA ILE A 130 36.86 33.40 -3.69
C ILE A 130 36.61 32.47 -2.48
N VAL A 145 28.78 40.46 -0.38
CA VAL A 145 27.68 39.50 -0.26
C VAL A 145 28.25 38.13 0.17
N SER A 146 27.68 37.53 1.22
CA SER A 146 28.12 36.24 1.76
C SER A 146 26.98 35.23 1.84
N THR A 147 27.28 33.97 1.49
CA THR A 147 26.34 32.84 1.52
C THR A 147 27.09 31.57 2.02
N SER A 148 26.34 30.56 2.48
CA SER A 148 26.94 29.32 3.00
C SER A 148 26.30 28.05 2.43
N TYR A 149 27.14 27.03 2.19
CA TYR A 149 26.75 25.71 1.68
C TYR A 149 27.48 24.63 2.48
N ASN A 150 26.71 23.67 3.06
CA ASN A 150 27.17 22.55 3.90
C ASN A 150 27.99 23.09 5.11
N GLU A 151 27.42 24.10 5.81
CA GLU A 151 27.96 24.80 6.99
C GLU A 151 29.29 25.56 6.70
N ARG A 152 29.76 25.57 5.44
CA ARG A 152 30.98 26.27 5.03
C ARG A 152 30.61 27.58 4.31
N VAL A 153 31.14 28.70 4.81
CA VAL A 153 30.86 30.05 4.29
C VAL A 153 31.74 30.40 3.08
N ILE A 154 31.20 31.26 2.18
CA ILE A 154 31.86 31.76 0.97
C ILE A 154 31.40 33.23 0.71
N SER A 155 32.26 34.05 0.06
CA SER A 155 31.96 35.45 -0.22
C SER A 155 32.04 35.77 -1.71
N TRP A 156 31.03 36.51 -2.22
CA TRP A 156 30.93 36.95 -3.62
C TRP A 156 31.31 38.42 -3.79
N VAL A 157 31.89 38.78 -4.94
CA VAL A 157 32.31 40.15 -5.27
C VAL A 157 32.11 40.41 -6.79
N ASP A 158 32.03 41.69 -7.19
CA ASP A 158 31.84 42.13 -8.58
C ASP A 158 33.04 41.79 -9.46
N VAL A 159 32.80 41.62 -10.78
CA VAL A 159 33.81 41.29 -11.80
C VAL A 159 34.82 42.43 -11.95
N ILE A 172 40.81 32.44 -6.95
CA ILE A 172 39.53 32.90 -7.48
C ILE A 172 38.73 31.73 -8.06
N SER A 174 35.11 30.89 -10.50
CA SER A 174 34.07 31.36 -11.42
C SER A 174 32.66 31.08 -10.87
N ALA A 175 31.66 31.81 -11.36
CA ALA A 175 30.26 31.69 -10.96
C ALA A 175 29.66 30.34 -11.37
N GLN A 176 29.93 29.89 -12.61
CA GLN A 176 29.44 28.61 -13.15
C GLN A 176 30.26 27.42 -12.61
N ASP A 177 31.55 27.64 -12.28
CA ASP A 177 32.44 26.60 -11.75
C ASP A 177 32.14 26.30 -10.29
N GLU A 178 31.77 27.32 -9.48
CA GLU A 178 31.44 27.14 -8.07
C GLU A 178 30.04 26.56 -7.92
N PHE A 179 29.11 26.91 -8.85
CA PHE A 179 27.74 26.39 -8.86
C PHE A 179 27.77 24.88 -9.15
N TYR A 180 28.68 24.45 -10.05
CA TYR A 180 28.88 23.04 -10.41
C TYR A 180 29.34 22.26 -9.19
N HIS A 181 30.28 22.83 -8.40
CA HIS A 181 30.84 22.22 -7.18
C HIS A 181 29.75 21.95 -6.14
N GLN A 182 28.82 22.90 -5.96
CA GLN A 182 27.69 22.79 -5.03
C GLN A 182 26.62 21.82 -5.55
N LEU A 183 26.34 21.86 -6.87
CA LEU A 183 25.33 20.99 -7.50
C LEU A 183 25.80 19.53 -7.55
N SER A 184 27.06 19.28 -7.98
CA SER A 184 27.64 17.94 -8.09
C SER A 184 27.66 17.20 -6.73
N GLN A 185 27.92 17.95 -5.64
CA GLN A 185 27.94 17.43 -4.27
C GLN A 185 26.54 16.95 -3.84
N ALA A 186 25.50 17.73 -4.20
CA ALA A 186 24.09 17.43 -3.92
C ALA A 186 23.62 16.20 -4.68
N LEU A 187 24.15 15.98 -5.91
CA LEU A 187 23.82 14.85 -6.76
C LEU A 187 24.43 13.55 -6.23
N LEU A 188 25.64 13.63 -5.62
CA LEU A 188 26.32 12.48 -5.04
C LEU A 188 25.67 12.05 -3.73
N ASN A 189 25.06 13.02 -3.01
CA ASN A 189 24.33 12.79 -1.76
C ASN A 189 23.01 12.04 -2.02
N ASN A 190 22.52 12.09 -3.28
CA ASN A 190 21.30 11.43 -3.74
C ASN A 190 21.60 10.61 -5.03
N ILE A 191 22.76 9.94 -5.07
CA ILE A 191 23.24 9.13 -6.20
C ILE A 191 22.39 7.84 -6.36
N ASN A 192 21.71 7.38 -5.29
CA ASN A 192 20.86 6.18 -5.30
C ASN A 192 19.59 6.39 -6.14
N GLU A 193 19.18 7.67 -6.33
CA GLU A 193 18.00 8.07 -7.10
C GLU A 193 18.35 8.40 -8.56
N ILE A 194 19.65 8.51 -8.88
CA ILE A 194 20.14 8.84 -10.23
C ILE A 194 20.84 7.61 -10.85
N PHE A 195 21.78 6.99 -10.12
CA PHE A 195 22.55 5.84 -10.56
C PHE A 195 22.06 4.55 -9.88
N GLY A 196 21.66 3.55 -10.68
CA GLY A 196 21.15 2.27 -10.17
C GLY A 196 21.68 1.06 -10.94
N ILE A 197 20.96 -0.09 -10.85
CA ILE A 197 21.30 -1.37 -11.47
C ILE A 197 21.30 -1.24 -13.01
N GLN A 198 20.26 -0.62 -13.59
CA GLN A 198 20.14 -0.43 -15.03
C GLN A 198 21.25 0.48 -15.57
N GLU A 199 21.58 1.56 -14.81
CA GLU A 199 22.65 2.51 -15.14
C GLU A 199 24.01 1.80 -15.11
N THR A 200 24.17 0.81 -14.20
CA THR A 200 25.38 0.00 -14.05
C THR A 200 25.46 -1.00 -15.21
N LYS A 201 24.32 -1.61 -15.60
CA LYS A 201 24.24 -2.59 -16.69
C LYS A 201 24.64 -1.97 -18.03
N ASN A 202 24.16 -0.74 -18.33
CA ASN A 202 24.48 0.00 -19.56
C ASN A 202 25.98 0.33 -19.61
N MET A 203 26.58 0.57 -18.43
CA MET A 203 28.00 0.87 -18.24
C MET A 203 28.85 -0.39 -18.45
N LEU A 204 28.39 -1.54 -17.93
CA LEU A 204 29.08 -2.83 -18.04
C LEU A 204 28.98 -3.42 -19.46
N ASP A 205 27.91 -3.06 -20.22
CA ASP A 205 27.70 -3.52 -21.59
C ASP A 205 28.74 -2.88 -22.53
N GLN A 206 29.08 -1.60 -22.28
CA GLN A 206 30.10 -0.85 -23.03
C GLN A 206 31.50 -1.36 -22.66
N PHE A 207 31.65 -1.80 -21.39
CA PHE A 207 32.87 -2.34 -20.80
C PHE A 207 33.17 -3.74 -21.37
N GLU A 208 32.11 -4.51 -21.71
CA GLU A 208 32.18 -5.87 -22.27
C GLU A 208 32.89 -5.88 -23.64
N ASN A 209 32.69 -4.82 -24.45
CA ASN A 209 33.28 -4.66 -25.78
C ASN A 209 34.81 -4.53 -25.74
N ARG A 210 35.37 -4.12 -24.58
CA ARG A 210 36.80 -3.95 -24.39
C ARG A 210 37.39 -5.04 -23.47
N TYR A 211 36.72 -5.33 -22.33
CA TYR A 211 37.19 -6.33 -21.36
C TYR A 211 36.07 -7.38 -21.08
N PRO A 212 35.90 -8.40 -21.96
CA PRO A 212 34.84 -9.40 -21.75
C PRO A 212 35.20 -10.47 -20.71
N ASP A 213 36.46 -10.94 -20.69
CA ASP A 213 36.93 -11.99 -19.78
C ASP A 213 37.07 -11.48 -18.35
N LEU A 214 37.40 -10.18 -18.17
CA LEU A 214 37.50 -9.55 -16.85
C LEU A 214 36.09 -9.43 -16.25
N LEU A 215 35.10 -9.12 -17.10
CA LEU A 215 33.68 -9.01 -16.76
C LEU A 215 33.10 -10.39 -16.36
N GLU A 217 34.77 -13.00 -14.98
CA GLU A 217 35.36 -13.41 -13.69
C GLU A 217 34.66 -12.72 -12.53
N VAL A 218 34.15 -11.49 -12.74
CA VAL A 218 33.44 -10.71 -11.72
C VAL A 218 32.02 -11.29 -11.56
N PHE A 219 31.30 -11.53 -12.67
CA PHE A 219 29.94 -12.09 -12.67
C PHE A 219 29.88 -13.52 -12.11
N ARG A 220 31.05 -14.18 -11.98
CA ARG A 220 31.19 -15.53 -11.45
C ARG A 220 31.00 -15.55 -9.92
N HIS A 221 31.18 -14.39 -9.25
CA HIS A 221 31.05 -14.24 -7.80
C HIS A 221 30.15 -13.07 -7.39
N VAL A 222 30.16 -11.97 -8.16
CA VAL A 222 29.38 -10.76 -7.87
C VAL A 222 28.16 -10.64 -8.78
N THR A 223 27.01 -10.24 -8.20
CA THR A 223 25.75 -10.01 -8.92
C THR A 223 25.72 -8.56 -9.42
N ILE A 224 24.83 -8.24 -10.38
CA ILE A 224 24.68 -6.89 -10.98
C ILE A 224 24.30 -5.88 -9.87
N GLN A 225 23.43 -6.28 -8.92
CA GLN A 225 22.96 -5.48 -7.78
C GLN A 225 24.15 -5.10 -6.88
N ARG A 226 25.04 -6.06 -6.57
CA ARG A 226 26.21 -5.86 -5.72
C ARG A 226 27.25 -4.95 -6.40
N ILE A 227 27.43 -5.07 -7.74
CA ILE A 227 28.34 -4.22 -8.53
C ILE A 227 27.78 -2.77 -8.48
N SER A 228 26.44 -2.64 -8.65
CA SER A 228 25.71 -1.37 -8.60
C SER A 228 25.84 -0.73 -7.21
N GLU A 229 25.78 -1.56 -6.14
CA GLU A 229 25.91 -1.11 -4.75
C GLU A 229 27.32 -0.61 -4.46
N VAL A 230 28.36 -1.37 -4.87
CA VAL A 230 29.79 -1.04 -4.70
C VAL A 230 30.07 0.32 -5.35
N LEU A 231 29.57 0.52 -6.60
CA LEU A 231 29.72 1.75 -7.37
C LEU A 231 29.02 2.93 -6.68
N GLN A 232 27.83 2.70 -6.09
CA GLN A 232 27.03 3.71 -5.37
C GLN A 232 27.72 4.16 -4.07
N ARG A 233 28.34 3.21 -3.34
CA ARG A 233 29.07 3.46 -2.08
C ARG A 233 30.30 4.33 -2.31
N LEU A 234 31.00 4.12 -3.45
CA LEU A 234 32.21 4.86 -3.83
C LEU A 234 31.86 6.30 -4.22
N LEU A 235 30.79 6.49 -5.02
CA LEU A 235 30.32 7.80 -5.48
C LEU A 235 29.81 8.65 -4.32
N GLY A 236 29.14 8.01 -3.33
CA GLY A 236 28.62 8.67 -2.12
C GLY A 236 29.74 9.21 -1.22
N GLU A 237 31.00 8.81 -1.49
CA GLU A 237 32.19 9.21 -0.73
C GLU A 237 33.18 9.98 -1.64
N ASN A 238 32.66 10.56 -2.76
CA ASN A 238 33.36 11.36 -3.77
C ASN A 238 34.52 10.62 -4.45
N ILE A 239 34.28 9.38 -4.92
CA ILE A 239 35.26 8.56 -5.64
C ILE A 239 34.71 8.27 -7.04
N SER A 240 35.51 8.61 -8.08
CA SER A 240 35.17 8.42 -9.49
C SER A 240 35.08 6.95 -9.87
N VAL A 241 34.07 6.60 -10.68
CA VAL A 241 33.85 5.23 -11.18
C VAL A 241 34.30 5.15 -12.67
N ARG A 242 35.06 6.17 -13.13
CA ARG A 242 35.59 6.27 -14.49
C ARG A 242 36.56 5.13 -14.77
N ASN A 243 37.42 4.79 -13.79
CA ASN A 243 38.37 3.68 -13.91
C ASN A 243 37.68 2.41 -13.39
N LEU A 244 36.68 1.94 -14.17
CA LEU A 244 35.87 0.75 -13.88
C LEU A 244 36.74 -0.51 -13.94
N LYS A 245 37.79 -0.52 -14.79
CA LYS A 245 38.73 -1.63 -14.97
C LYS A 245 39.39 -1.98 -13.64
N LEU A 246 39.97 -0.99 -12.93
CA LEU A 246 40.64 -1.17 -11.63
C LEU A 246 39.64 -1.59 -10.53
N ILE A 247 38.39 -1.09 -10.61
CA ILE A 247 37.32 -1.44 -9.66
C ILE A 247 36.94 -2.92 -9.86
N MET A 248 36.74 -3.34 -11.13
CA MET A 248 36.39 -4.73 -11.50
C MET A 248 37.56 -5.68 -11.20
N GLU A 249 38.81 -5.24 -11.43
CA GLU A 249 40.02 -6.03 -11.14
C GLU A 249 40.13 -6.31 -9.64
N SER A 250 39.77 -5.31 -8.80
CA SER A 250 39.78 -5.42 -7.34
C SER A 250 38.66 -6.34 -6.87
N LEU A 251 37.46 -6.24 -7.49
CA LEU A 251 36.28 -7.06 -7.17
C LEU A 251 36.55 -8.54 -7.46
N ALA A 252 37.12 -8.86 -8.64
CA ALA A 252 37.46 -10.22 -9.08
C ALA A 252 38.47 -10.91 -8.17
N LEU A 253 39.29 -10.13 -7.45
CA LEU A 253 40.32 -10.60 -6.52
C LEU A 253 39.77 -10.82 -5.10
N TRP A 254 38.86 -9.94 -4.63
CA TRP A 254 38.34 -9.98 -3.27
C TRP A 254 36.94 -10.62 -3.11
N ALA A 255 36.10 -10.65 -4.17
CA ALA A 255 34.75 -11.23 -4.08
C ALA A 255 34.75 -12.76 -3.81
N PRO A 256 35.73 -13.57 -4.33
CA PRO A 256 35.70 -15.00 -3.97
C PRO A 256 36.17 -15.24 -2.52
N ARG A 257 36.77 -14.20 -1.89
CA ARG A 257 37.28 -14.23 -0.52
C ARG A 257 36.30 -13.60 0.48
N GLU A 258 35.72 -12.43 0.12
CA GLU A 258 34.80 -11.67 0.97
C GLU A 258 33.37 -11.67 0.41
N ASP A 260 30.80 -9.84 2.29
CA ASP A 260 30.22 -8.57 2.74
C ASP A 260 30.52 -7.47 1.72
N VAL A 261 29.46 -6.76 1.28
CA VAL A 261 29.53 -5.68 0.29
C VAL A 261 30.29 -4.47 0.88
N ILE A 262 30.01 -4.12 2.16
CA ILE A 262 30.62 -3.00 2.87
C ILE A 262 32.15 -3.21 2.98
N THR A 263 32.60 -4.45 3.28
CA THR A 263 34.02 -4.81 3.38
C THR A 263 34.66 -4.85 1.98
N LEU A 264 33.87 -5.22 0.96
CA LEU A 264 34.31 -5.31 -0.44
C LEU A 264 34.65 -3.92 -1.00
N VAL A 265 33.87 -2.88 -0.62
CA VAL A 265 34.07 -1.48 -1.03
C VAL A 265 35.39 -0.96 -0.42
N GLU A 266 35.68 -1.36 0.83
CA GLU A 266 36.90 -1.00 1.57
C GLU A 266 38.16 -1.48 0.84
N HIS A 267 38.10 -2.67 0.19
CA HIS A 267 39.19 -3.25 -0.59
C HIS A 267 39.40 -2.46 -1.90
N VAL A 268 38.30 -1.96 -2.51
CA VAL A 268 38.32 -1.17 -3.75
C VAL A 268 39.02 0.18 -3.47
N ARG A 269 38.77 0.76 -2.27
CA ARG A 269 39.37 2.02 -1.81
C ARG A 269 40.89 1.88 -1.65
N ALA A 270 41.36 0.70 -1.16
CA ALA A 270 42.77 0.38 -0.95
C ALA A 270 43.52 0.32 -2.29
N SER A 271 42.85 -0.17 -3.35
CA SER A 271 43.40 -0.25 -4.70
C SER A 271 43.32 1.10 -5.42
N LEU A 272 42.46 2.02 -4.91
CA LEU A 272 42.27 3.38 -5.44
C LEU A 272 42.96 4.42 -4.54
N SER A 273 43.95 3.98 -3.73
CA SER A 273 44.72 4.79 -2.79
C SER A 273 45.46 5.96 -3.46
N ARG A 274 45.96 5.75 -4.69
CA ARG A 274 46.68 6.77 -5.46
C ARG A 274 45.75 7.90 -5.93
N TYR A 275 44.52 7.56 -6.36
CA TYR A 275 43.51 8.53 -6.81
C TYR A 275 42.98 9.36 -5.65
N ILE A 276 42.66 8.71 -4.51
CA ILE A 276 42.12 9.32 -3.29
C ILE A 276 43.08 10.43 -2.80
N CYS A 277 44.38 10.11 -2.68
CA CYS A 277 45.43 11.03 -2.24
C CYS A 277 45.64 12.18 -3.22
N SER A 278 45.50 11.93 -4.53
CA SER A 278 45.68 12.91 -5.61
C SER A 278 44.64 14.05 -5.57
N LYS A 279 43.42 13.75 -5.07
CA LYS A 279 42.31 14.72 -4.99
C LYS A 279 42.26 15.48 -3.65
N ILE A 280 42.72 14.85 -2.54
CA ILE A 280 42.67 15.46 -1.20
C ILE A 280 43.96 16.24 -0.87
N ALA A 281 45.04 16.09 -1.66
CA ALA A 281 46.32 16.77 -1.42
C ALA A 281 46.48 18.04 -2.25
N VAL A 282 47.15 19.04 -1.67
CA VAL A 282 47.48 20.32 -2.29
C VAL A 282 49.01 20.50 -2.13
N SER A 283 49.73 20.57 -3.27
CA SER A 283 51.19 20.69 -3.40
C SER A 283 51.93 19.50 -2.72
N GLY A 284 51.35 18.29 -2.87
CA GLY A 284 51.88 17.04 -2.34
C GLY A 284 51.81 16.92 -0.81
N GLU A 285 50.86 17.62 -0.17
CA GLU A 285 50.68 17.60 1.28
C GLU A 285 49.21 17.34 1.64
N ILE A 286 48.98 16.37 2.54
CA ILE A 286 47.63 16.01 3.01
C ILE A 286 47.45 16.52 4.44
N VAL A 288 45.66 16.25 7.65
CA VAL A 288 44.85 15.25 8.37
C VAL A 288 44.52 15.68 9.80
N VAL A 289 43.37 15.20 10.30
CA VAL A 289 42.89 15.39 11.67
C VAL A 289 42.69 13.99 12.24
N MET A 290 43.73 13.47 12.91
CA MET A 290 43.75 12.13 13.49
C MET A 290 42.90 12.04 14.77
N LEU A 291 42.70 10.80 15.26
CA LEU A 291 41.91 10.51 16.45
C LEU A 291 42.78 9.92 17.55
N SER A 292 42.51 10.31 18.81
CA SER A 292 43.22 9.83 20.00
C SER A 292 42.87 8.38 20.29
N GLY A 293 43.75 7.66 21.02
CA GLY A 293 43.59 6.25 21.38
C GLY A 293 42.25 5.96 22.06
N TYR A 294 41.81 6.86 22.96
CA TYR A 294 40.55 6.75 23.71
C TYR A 294 39.32 6.79 22.78
N ILE A 295 39.21 7.84 21.92
CA ILE A 295 38.11 8.03 20.98
C ILE A 295 38.10 6.89 19.94
N GLU A 296 39.29 6.43 19.50
CA GLU A 296 39.47 5.33 18.54
C GLU A 296 38.93 4.01 19.13
N ASP A 297 39.20 3.76 20.42
CA ASP A 297 38.74 2.57 21.15
C ASP A 297 37.24 2.68 21.50
N ALA A 298 36.75 3.92 21.72
CA ALA A 298 35.35 4.20 22.06
C ALA A 298 34.41 3.86 20.89
N ILE A 299 34.84 4.17 19.65
CA ILE A 299 34.09 3.89 18.42
C ILE A 299 34.18 2.37 18.13
N ARG A 300 35.38 1.78 18.36
CA ARG A 300 35.65 0.34 18.18
C ARG A 300 34.75 -0.51 19.10
N GLY A 302 31.76 0.55 20.27
CA GLY A 302 30.38 0.87 19.87
C GLY A 302 29.87 0.05 18.67
N ILE A 303 30.74 -0.74 18.02
CA ILE A 303 30.37 -1.57 16.86
C ILE A 303 29.55 -2.77 17.37
N ARG A 304 28.28 -2.87 16.91
CA ARG A 304 27.35 -3.94 17.28
C ARG A 304 26.99 -4.79 16.06
N GLN A 305 26.52 -6.02 16.29
CA GLN A 305 26.12 -6.97 15.24
C GLN A 305 24.62 -6.86 14.89
N THR A 306 23.93 -5.85 15.44
CA THR A 306 22.50 -5.60 15.23
C THR A 306 22.26 -5.02 13.82
N ASN A 313 24.24 -7.83 9.12
CA ASN A 313 24.45 -6.39 9.08
C ASN A 313 24.96 -5.87 10.42
N MET A 314 25.96 -4.98 10.39
CA MET A 314 26.56 -4.36 11.58
C MET A 314 26.24 -2.87 11.65
N ASP A 315 25.88 -2.38 12.85
CA ASP A 315 25.53 -0.98 13.09
C ASP A 315 26.38 -0.36 14.20
N ILE A 316 26.63 0.96 14.12
CA ILE A 316 27.43 1.71 15.08
C ILE A 316 26.51 2.53 16.03
N GLU A 317 26.76 2.39 17.36
CA GLU A 317 26.04 3.09 18.42
C GLU A 317 27.00 3.44 19.56
N VAL A 318 27.31 4.74 19.70
CA VAL A 318 28.22 5.27 20.73
C VAL A 318 27.49 6.29 21.63
N SER A 319 28.06 6.56 22.82
CA SER A 319 27.52 7.51 23.80
C SER A 319 27.58 8.96 23.30
N ASP A 320 26.73 9.83 23.89
CA ASP A 320 26.64 11.26 23.55
C ASP A 320 27.89 12.04 23.95
N GLU A 321 28.63 11.55 24.98
CA GLU A 321 29.86 12.17 25.49
C GLU A 321 30.97 12.12 24.43
N VAL A 322 31.16 10.96 23.77
CA VAL A 322 32.15 10.76 22.70
C VAL A 322 31.70 11.54 21.45
N MET A 323 30.39 11.57 21.18
CA MET A 323 29.75 12.27 20.06
C MET A 323 29.97 13.79 20.14
N GLU A 324 29.79 14.37 21.35
CA GLU A 324 29.96 15.81 21.60
C GLU A 324 31.44 16.21 21.51
N THR A 325 32.36 15.35 22.03
CA THR A 325 33.82 15.56 22.01
C THR A 325 34.32 15.61 20.55
N LEU A 326 33.75 14.75 19.68
CA LEU A 326 34.10 14.67 18.26
C LEU A 326 33.51 15.86 17.48
N ALA A 327 32.22 16.20 17.74
CA ALA A 327 31.50 17.29 17.08
C ALA A 327 32.10 18.67 17.39
N HIS A 328 32.38 18.97 18.67
CA HIS A 328 32.95 20.25 19.12
C HIS A 328 34.31 20.53 18.46
N ALA A 329 35.16 19.49 18.32
CA ALA A 329 36.48 19.59 17.69
C ALA A 329 36.36 19.85 16.18
N LEU A 330 35.37 19.19 15.52
CA LEU A 330 35.10 19.36 14.09
C LEU A 330 34.48 20.73 13.81
N ARG A 331 33.62 21.23 14.73
CA ARG A 331 32.97 22.54 14.62
C ARG A 331 34.01 23.65 14.75
N GLU A 332 34.92 23.54 15.74
CA GLU A 332 36.01 24.50 16.03
C GLU A 332 36.93 24.65 14.81
N LEU A 333 37.19 23.55 14.10
CA LEU A 333 38.01 23.55 12.89
C LEU A 333 37.24 24.18 11.73
N ARG A 334 35.90 24.07 11.72
CA ARG A 334 35.04 24.63 10.66
C ARG A 334 34.81 26.14 10.83
N ASN A 335 34.61 26.64 12.09
CA ASN A 335 34.49 28.09 12.28
C ASN A 335 35.92 28.66 12.42
N ALA A 336 36.67 28.52 11.32
CA ALA A 336 38.06 28.87 11.01
C ALA A 336 38.37 28.32 9.62
N ASN A 339 40.77 23.44 5.73
CA ASN A 339 40.49 22.44 4.71
C ASN A 339 41.25 21.17 5.12
N PHE A 340 40.52 20.22 5.72
CA PHE A 340 41.08 18.99 6.27
C PHE A 340 40.31 17.71 5.88
N VAL A 341 40.95 16.55 6.13
CA VAL A 341 40.44 15.20 5.90
C VAL A 341 40.72 14.38 7.16
N LEU A 342 39.71 13.65 7.67
CA LEU A 342 39.85 12.85 8.89
C LEU A 342 40.53 11.50 8.58
N LEU A 343 41.66 11.23 9.27
CA LEU A 343 42.44 9.99 9.09
C LEU A 343 42.29 9.11 10.34
N VAL A 344 41.74 7.90 10.14
CA VAL A 344 41.48 6.93 11.22
C VAL A 344 41.94 5.50 10.82
N SER A 345 41.61 4.50 11.67
CA SER A 345 41.95 3.09 11.45
C SER A 345 41.04 2.47 10.38
N VAL A 346 41.54 1.42 9.69
CA VAL A 346 40.85 0.72 8.60
C VAL A 346 39.57 0.01 9.12
N ASP A 347 39.64 -0.55 10.34
CA ASP A 347 38.55 -1.29 10.98
C ASP A 347 37.34 -0.42 11.35
N ILE A 348 37.55 0.88 11.61
CA ILE A 348 36.48 1.79 12.07
C ILE A 348 36.12 2.92 11.07
N ARG A 349 36.90 3.11 9.98
CA ARG A 349 36.68 4.20 9.01
C ARG A 349 35.26 4.21 8.40
N ARG A 350 34.63 3.03 8.21
CA ARG A 350 33.28 2.92 7.66
C ARG A 350 32.22 3.29 8.70
N PHE A 351 32.52 3.06 10.00
CA PHE A 351 31.64 3.37 11.13
C PHE A 351 31.80 4.81 11.60
N VAL A 352 33.02 5.39 11.45
CA VAL A 352 33.35 6.77 11.80
C VAL A 352 32.61 7.71 10.83
N ARG A 354 29.76 7.08 9.25
CA ARG A 354 28.34 6.97 9.58
C ARG A 354 27.93 7.96 10.67
N LEU A 355 28.79 8.14 11.70
CA LEU A 355 28.54 9.04 12.83
C LEU A 355 28.67 10.52 12.44
N ILE A 356 29.41 10.82 11.36
CA ILE A 356 29.65 12.18 10.89
C ILE A 356 28.63 12.57 9.79
N ASP A 357 28.41 11.68 8.79
CA ASP A 357 27.50 11.86 7.64
C ASP A 357 26.14 12.48 8.00
N ASN A 358 25.56 12.09 9.15
CA ASN A 358 24.27 12.59 9.64
C ASN A 358 24.31 14.09 9.99
N ARG A 359 25.47 14.59 10.43
CA ARG A 359 25.65 15.99 10.83
C ARG A 359 26.42 16.80 9.77
N PHE A 360 27.62 16.32 9.36
CA PHE A 360 28.47 17.01 8.38
C PHE A 360 28.83 16.08 7.21
N SER A 362 30.66 17.48 4.19
CA SER A 362 31.81 18.07 3.48
C SER A 362 33.14 17.39 3.87
N ILE A 363 33.25 16.93 5.14
CA ILE A 363 34.44 16.28 5.69
C ILE A 363 34.47 14.81 5.24
N LEU A 364 35.63 14.38 4.70
CA LEU A 364 35.90 13.03 4.20
C LEU A 364 36.64 12.18 5.24
N VAL A 365 36.30 10.87 5.31
CA VAL A 365 36.91 9.92 6.24
C VAL A 365 37.78 8.94 5.42
N ILE A 366 39.10 8.92 5.70
CA ILE A 366 40.10 8.10 5.00
C ILE A 366 40.84 7.22 6.03
N SER A 367 41.18 5.97 5.65
CA SER A 367 41.90 5.01 6.48
C SER A 367 43.42 5.06 6.25
N TYR A 368 44.21 4.40 7.12
CA TYR A 368 45.67 4.33 7.04
C TYR A 368 46.13 3.46 5.85
N ALA A 369 45.26 2.58 5.34
CA ALA A 369 45.54 1.71 4.20
C ALA A 369 45.34 2.46 2.88
N GLU A 370 44.62 3.60 2.92
CA GLU A 370 44.30 4.44 1.76
C GLU A 370 45.36 5.54 1.51
N ILE A 371 46.23 5.84 2.49
CA ILE A 371 47.26 6.87 2.31
C ILE A 371 48.45 6.27 1.55
N ASP A 372 48.73 6.85 0.37
CA ASP A 372 49.81 6.44 -0.54
C ASP A 372 51.14 7.07 -0.12
N GLU A 373 52.26 6.40 -0.44
CA GLU A 373 53.63 6.84 -0.16
C GLU A 373 53.99 8.08 -1.00
N ALA A 374 55.08 8.79 -0.62
CA ALA A 374 55.60 10.02 -1.23
C ALA A 374 54.61 11.20 -1.07
N TYR A 375 53.73 11.09 -0.05
CA TYR A 375 52.73 12.10 0.31
C TYR A 375 52.97 12.54 1.75
N THR A 376 53.20 13.85 1.95
CA THR A 376 53.46 14.44 3.27
C THR A 376 52.16 14.47 4.08
N ILE A 377 52.20 13.91 5.30
CA ILE A 377 51.08 13.84 6.22
C ILE A 377 51.25 14.94 7.27
N ASN A 378 50.31 15.90 7.29
CA ASN A 378 50.32 17.04 8.22
C ASN A 378 49.17 16.91 9.22
N VAL A 379 49.50 16.51 10.47
CA VAL A 379 48.53 16.31 11.55
C VAL A 379 48.19 17.70 12.13
N LEU A 380 46.94 18.15 11.91
CA LEU A 380 46.45 19.45 12.37
C LEU A 380 45.92 19.37 13.80
N THR A 382 44.32 16.31 17.07
CA THR A 382 44.05 14.96 17.55
C THR A 382 42.84 15.01 18.49
N ILE A 383 41.70 14.46 18.07
CA ILE A 383 40.45 14.45 18.84
C ILE A 383 40.51 13.30 19.86
N SER B 54 -21.78 -9.36 -19.02
CA SER B 54 -22.46 -9.27 -17.73
C SER B 54 -21.85 -10.24 -16.69
N SER B 55 -20.81 -11.00 -17.08
CA SER B 55 -20.12 -11.97 -16.23
C SER B 55 -19.27 -11.29 -15.15
N GLU B 56 -18.87 -10.02 -15.36
CA GLU B 56 -18.04 -9.25 -14.44
C GLU B 56 -18.82 -8.13 -13.74
N THR B 57 -18.44 -7.83 -12.49
CA THR B 57 -19.02 -6.74 -11.70
C THR B 57 -18.31 -5.44 -12.08
N VAL B 58 -19.08 -4.37 -12.36
CA VAL B 58 -18.54 -3.07 -12.76
C VAL B 58 -17.71 -2.47 -11.59
N PRO B 59 -16.40 -2.18 -11.83
CA PRO B 59 -15.47 -1.71 -10.80
C PRO B 59 -15.87 -0.40 -10.09
N LEU B 60 -16.30 0.64 -10.82
CA LEU B 60 -16.63 1.92 -10.20
C LEU B 60 -17.92 2.55 -10.72
N ILE B 61 -18.79 2.98 -9.77
CA ILE B 61 -20.06 3.67 -10.04
C ILE B 61 -20.16 4.88 -9.12
N LEU B 62 -20.45 6.06 -9.68
CA LEU B 62 -20.63 7.30 -8.90
C LEU B 62 -22.06 7.78 -9.07
N LEU B 63 -22.90 7.54 -8.05
CA LEU B 63 -24.31 7.93 -8.03
C LEU B 63 -24.45 9.38 -7.60
N PHE B 64 -25.11 10.20 -8.44
CA PHE B 64 -25.32 11.64 -8.21
C PHE B 64 -26.81 11.98 -8.04
N ALA B 65 -27.12 13.29 -7.87
CA ALA B 65 -28.46 13.85 -7.71
C ALA B 65 -29.31 13.73 -8.99
N GLU B 66 -30.64 13.80 -8.84
CA GLU B 66 -31.59 13.73 -9.95
C GLU B 66 -31.72 15.08 -10.64
N ASP B 73 -19.70 17.57 -19.40
CA ASP B 73 -19.11 18.27 -18.27
C ASP B 73 -18.84 17.33 -17.09
N MET B 74 -19.78 16.40 -16.80
CA MET B 74 -19.67 15.41 -15.73
C MET B 74 -18.58 14.37 -16.06
N GLU B 75 -18.50 13.95 -17.34
CA GLU B 75 -17.50 13.01 -17.84
C GLU B 75 -16.11 13.63 -17.82
N GLY B 76 -16.04 14.97 -18.03
CA GLY B 76 -14.80 15.76 -18.00
C GLY B 76 -14.21 15.74 -16.58
N LEU B 77 -15.08 15.80 -15.56
CA LEU B 77 -14.73 15.75 -14.13
C LEU B 77 -14.17 14.36 -13.79
N ILE B 78 -14.86 13.29 -14.25
CA ILE B 78 -14.51 11.88 -14.06
C ILE B 78 -13.11 11.60 -14.63
N GLU B 79 -12.81 12.11 -15.84
CA GLU B 79 -11.51 11.93 -16.49
C GLU B 79 -10.42 12.76 -15.82
N ARG B 80 -10.78 13.92 -15.19
CA ARG B 80 -9.85 14.78 -14.45
C ARG B 80 -9.39 14.08 -13.18
N ILE B 81 -10.30 13.31 -12.54
CA ILE B 81 -10.03 12.53 -11.33
C ILE B 81 -9.08 11.38 -11.71
N ARG B 82 -9.39 10.67 -12.81
CA ARG B 82 -8.61 9.55 -13.35
C ARG B 82 -7.18 9.97 -13.72
N SER B 83 -7.02 11.19 -14.27
CA SER B 83 -5.71 11.74 -14.66
C SER B 83 -4.89 12.14 -13.44
N GLN B 84 -5.49 12.88 -12.49
CA GLN B 84 -4.84 13.37 -11.27
C GLN B 84 -4.42 12.23 -10.33
N PHE B 85 -5.21 11.13 -10.27
CA PHE B 85 -4.92 9.97 -9.43
C PHE B 85 -3.64 9.27 -9.90
N PHE B 86 -3.38 9.28 -11.22
CA PHE B 86 -2.17 8.70 -11.81
C PHE B 86 -0.97 9.62 -11.58
N ILE B 87 -1.20 10.95 -11.51
CA ILE B 87 -0.14 11.94 -11.27
C ILE B 87 0.30 11.86 -9.79
N ASP B 88 -0.68 11.79 -8.87
CA ASP B 88 -0.48 11.76 -7.43
C ASP B 88 -0.11 10.37 -6.87
N TYR B 89 -0.54 9.26 -7.53
CA TYR B 89 -0.27 7.92 -6.97
C TYR B 89 0.33 6.92 -7.97
N GLY B 90 0.23 7.17 -9.28
CA GLY B 90 0.80 6.27 -10.31
C GLY B 90 -0.01 5.00 -10.54
N VAL B 91 -1.34 5.08 -10.31
CA VAL B 91 -2.26 3.96 -10.49
C VAL B 91 -3.33 4.37 -11.52
N ARG B 92 -3.41 3.62 -12.63
CA ARG B 92 -4.40 3.86 -13.67
C ARG B 92 -5.74 3.28 -13.23
N LEU B 93 -6.66 4.16 -12.80
CA LEU B 93 -8.00 3.81 -12.34
C LEU B 93 -8.87 3.23 -13.45
N PRO B 94 -9.84 2.34 -13.12
CA PRO B 94 -10.74 1.82 -14.14
C PRO B 94 -11.75 2.90 -14.54
N THR B 95 -12.40 2.74 -15.70
CA THR B 95 -13.39 3.71 -16.21
C THR B 95 -14.60 3.74 -15.27
N ILE B 96 -14.88 4.93 -14.69
CA ILE B 96 -15.96 5.15 -13.73
C ILE B 96 -17.29 5.37 -14.46
N LEU B 97 -18.36 4.72 -13.97
CA LEU B 97 -19.71 4.81 -14.51
C LEU B 97 -20.50 5.90 -13.78
N TYR B 98 -21.20 6.75 -14.54
CA TYR B 98 -22.02 7.84 -14.00
C TYR B 98 -23.49 7.43 -14.00
N ARG B 99 -24.14 7.56 -12.83
CA ARG B 99 -25.55 7.24 -12.64
C ARG B 99 -26.24 8.30 -11.78
N THR B 100 -27.57 8.43 -11.95
CA THR B 100 -28.40 9.39 -11.22
C THR B 100 -29.46 8.66 -10.36
N SER B 101 -29.86 9.28 -9.24
CA SER B 101 -30.84 8.71 -8.31
C SER B 101 -31.74 9.80 -7.70
N ASN B 102 -33.05 9.54 -7.63
CA ASN B 102 -34.05 10.44 -7.05
C ASN B 102 -34.04 10.35 -5.52
N GLU B 103 -33.58 9.21 -4.98
CA GLU B 103 -33.48 8.94 -3.54
C GLU B 103 -32.41 9.81 -2.87
N LEU B 104 -31.31 10.11 -3.60
CA LEU B 104 -30.19 10.91 -3.11
C LEU B 104 -30.51 12.41 -3.09
N VAL B 106 -29.11 16.66 -3.15
CA VAL B 106 -28.40 17.51 -4.13
C VAL B 106 -26.88 17.36 -3.96
N ASP B 107 -26.37 17.43 -2.71
CA ASP B 107 -24.94 17.33 -2.39
C ASP B 107 -24.46 15.89 -2.19
N ASP B 108 -25.38 14.92 -2.00
CA ASP B 108 -25.04 13.51 -1.76
C ASP B 108 -24.50 12.81 -3.03
N ILE B 109 -23.27 12.29 -2.91
CA ILE B 109 -22.54 11.52 -3.94
C ILE B 109 -22.05 10.23 -3.28
N VAL B 110 -22.48 9.06 -3.78
CA VAL B 110 -22.11 7.77 -3.19
C VAL B 110 -21.25 6.97 -4.18
N LEU B 111 -20.09 6.50 -3.72
CA LEU B 111 -19.14 5.67 -4.47
C LEU B 111 -19.49 4.19 -4.30
N LEU B 112 -19.52 3.45 -5.42
CA LEU B 112 -19.83 2.03 -5.43
C LEU B 112 -18.67 1.24 -6.06
N ILE B 113 -18.04 0.35 -5.26
CA ILE B 113 -16.94 -0.49 -5.70
C ILE B 113 -17.48 -1.92 -5.80
N ASN B 114 -17.51 -2.46 -7.04
CA ASN B 114 -18.01 -3.78 -7.43
C ASN B 114 -19.51 -3.93 -7.05
N GLU B 115 -20.31 -2.91 -7.43
CA GLU B 115 -21.77 -2.76 -7.22
C GLU B 115 -22.17 -2.79 -5.72
N VAL B 116 -21.20 -2.55 -4.82
CA VAL B 116 -21.40 -2.52 -3.35
C VAL B 116 -20.98 -1.12 -2.85
N ARG B 117 -21.79 -0.52 -1.95
CA ARG B 117 -21.55 0.80 -1.35
C ARG B 117 -20.21 0.81 -0.61
N ALA B 118 -19.33 1.77 -0.98
CA ALA B 118 -18.00 1.90 -0.39
C ALA B 118 -17.90 3.14 0.51
N ASP B 119 -18.31 4.32 0.00
CA ASP B 119 -18.24 5.59 0.73
C ASP B 119 -19.26 6.60 0.21
N SER B 120 -19.77 7.46 1.12
CA SER B 120 -20.73 8.53 0.82
C SER B 120 -20.07 9.89 1.06
N PHE B 121 -20.31 10.84 0.13
CA PHE B 121 -19.72 12.18 0.17
C PHE B 121 -20.79 13.28 0.11
N ASN B 122 -20.45 14.46 0.65
CA ASN B 122 -21.29 15.66 0.66
C ASN B 122 -20.50 16.83 0.08
N ILE B 123 -20.74 17.15 -1.21
CA ILE B 123 -20.04 18.22 -1.92
C ILE B 123 -21.05 19.16 -2.61
N TYR B 124 -20.88 20.47 -2.36
CA TYR B 124 -21.68 21.54 -2.95
C TYR B 124 -20.84 22.17 -4.07
N PHE B 125 -21.04 21.67 -5.31
CA PHE B 125 -20.30 22.08 -6.52
C PHE B 125 -20.40 23.59 -6.86
N ASP B 126 -21.32 24.32 -6.20
CA ASP B 126 -21.52 25.76 -6.39
C ASP B 126 -20.95 26.55 -5.19
N VAL B 128 -17.00 26.78 -2.31
CA VAL B 128 -15.57 26.54 -2.09
C VAL B 128 -15.35 25.88 -0.70
N CYS B 129 -14.07 25.63 -0.32
CA CYS B 129 -13.72 25.00 0.95
C CYS B 129 -12.59 25.72 1.67
N ILE B 130 -12.62 25.65 3.01
CA ILE B 130 -11.64 26.24 3.93
C ILE B 130 -11.64 25.41 5.24
N THR B 131 -10.43 25.08 5.73
CA THR B 131 -10.25 24.29 6.96
C THR B 131 -10.16 25.21 8.18
N ILE B 137 -13.29 33.09 11.26
CA ILE B 137 -13.37 32.67 9.87
C ILE B 137 -14.85 32.62 9.44
N ASP B 138 -15.68 31.85 10.17
CA ASP B 138 -17.11 31.68 9.92
C ASP B 138 -17.95 32.55 10.87
N ALA B 139 -17.37 32.93 12.03
CA ALA B 139 -18.01 33.74 13.07
C ALA B 139 -18.20 35.21 12.65
N LEU B 140 -17.47 35.69 11.62
CA LEU B 140 -17.55 37.07 11.16
C LEU B 140 -18.76 37.32 10.21
N GLY B 141 -19.73 36.37 10.17
CA GLY B 141 -20.96 36.48 9.39
C GLY B 141 -20.84 36.05 7.93
N ILE B 142 -20.77 34.72 7.70
CA ILE B 142 -20.71 34.10 6.37
C ILE B 142 -21.67 32.89 6.36
N PRO B 143 -22.56 32.76 5.32
CA PRO B 143 -23.47 31.60 5.24
C PRO B 143 -22.67 30.32 4.97
N VAL B 144 -22.34 29.61 6.07
CA VAL B 144 -21.53 28.38 6.05
C VAL B 144 -22.43 27.15 6.27
N VAL B 145 -22.36 26.18 5.33
CA VAL B 145 -23.09 24.91 5.39
C VAL B 145 -22.01 23.82 5.54
N SER B 146 -21.56 23.60 6.78
CA SER B 146 -20.49 22.65 7.13
C SER B 146 -20.94 21.19 7.11
N THR B 147 -20.01 20.29 6.72
CA THR B 147 -20.15 18.84 6.67
C THR B 147 -18.82 18.22 7.13
N SER B 148 -18.73 16.87 7.20
CA SER B 148 -17.50 16.21 7.65
C SER B 148 -17.17 14.93 6.90
N TYR B 149 -15.86 14.67 6.71
CA TYR B 149 -15.29 13.48 6.07
C TYR B 149 -14.07 13.03 6.88
N ASN B 150 -14.03 11.73 7.25
CA ASN B 150 -12.99 11.08 8.07
C ASN B 150 -12.84 11.81 9.42
N GLU B 151 -14.00 12.14 10.04
CA GLU B 151 -14.18 12.83 11.33
C GLU B 151 -13.62 14.28 11.33
N ARG B 152 -13.23 14.81 10.15
CA ARG B 152 -12.71 16.18 10.00
C ARG B 152 -13.76 17.08 9.34
N VAL B 153 -14.21 18.12 10.06
CA VAL B 153 -15.24 19.06 9.60
C VAL B 153 -14.67 20.02 8.55
N ILE B 154 -15.40 20.17 7.43
CA ILE B 154 -15.05 21.04 6.30
C ILE B 154 -16.16 22.09 6.13
N SER B 155 -15.78 23.38 6.09
CA SER B 155 -16.70 24.51 5.93
C SER B 155 -16.89 24.88 4.47
N TRP B 156 -18.16 24.98 4.02
CA TRP B 156 -18.51 25.34 2.65
C TRP B 156 -18.99 26.79 2.59
N VAL B 157 -18.25 27.61 1.84
CA VAL B 157 -18.49 29.05 1.65
C VAL B 157 -18.83 29.29 0.16
N ASP B 158 -19.71 30.28 -0.11
CA ASP B 158 -20.11 30.66 -1.48
C ASP B 158 -18.92 31.30 -2.22
N VAL B 159 -18.93 31.20 -3.57
CA VAL B 159 -17.88 31.71 -4.47
C VAL B 159 -17.78 33.27 -4.40
N SER B 160 -18.84 33.94 -3.89
CA SER B 160 -18.90 35.40 -3.75
C SER B 160 -18.00 35.93 -2.64
N TYR B 161 -17.84 35.16 -1.54
CA TYR B 161 -17.04 35.55 -0.37
C TYR B 161 -15.55 35.17 -0.49
N THR B 162 -15.13 34.63 -1.66
CA THR B 162 -13.73 34.22 -1.92
C THR B 162 -12.79 35.43 -1.91
N GLU B 163 -13.23 36.56 -2.50
CA GLU B 163 -12.46 37.80 -2.57
C GLU B 163 -12.47 38.50 -1.20
N ASN B 164 -11.41 38.29 -0.41
CA ASN B 164 -11.26 38.86 0.92
C ASN B 164 -10.07 39.83 0.98
N ILE B 172 -7.67 28.52 0.02
CA ILE B 172 -8.99 28.31 -0.61
C ILE B 172 -8.94 27.02 -1.46
N SER B 174 -11.07 24.34 -4.11
CA SER B 174 -12.16 24.19 -5.08
C SER B 174 -13.10 23.04 -4.68
N ALA B 175 -14.36 23.08 -5.17
CA ALA B 175 -15.39 22.08 -4.90
C ALA B 175 -15.08 20.73 -5.55
N GLN B 176 -14.63 20.75 -6.83
CA GLN B 176 -14.27 19.53 -7.57
C GLN B 176 -12.93 18.95 -7.06
N ASP B 177 -12.03 19.82 -6.55
CA ASP B 177 -10.75 19.42 -5.99
C ASP B 177 -10.95 18.77 -4.62
N GLU B 178 -11.96 19.24 -3.84
CA GLU B 178 -12.32 18.68 -2.53
C GLU B 178 -12.92 17.29 -2.72
N PHE B 179 -13.79 17.13 -3.75
CA PHE B 179 -14.42 15.85 -4.10
C PHE B 179 -13.35 14.85 -4.50
N TYR B 180 -12.31 15.29 -5.23
CA TYR B 180 -11.19 14.44 -5.65
C TYR B 180 -10.41 13.97 -4.43
N HIS B 181 -10.04 14.91 -3.51
CA HIS B 181 -9.30 14.61 -2.28
CA HIS B 181 -9.29 14.59 -2.29
C HIS B 181 -10.06 13.61 -1.40
N GLN B 182 -11.41 13.74 -1.35
CA GLN B 182 -12.28 12.86 -0.57
C GLN B 182 -12.42 11.49 -1.25
N LEU B 183 -12.61 11.47 -2.59
CA LEU B 183 -12.77 10.25 -3.38
C LEU B 183 -11.46 9.45 -3.45
N SER B 184 -10.31 10.13 -3.68
CA SER B 184 -8.99 9.51 -3.77
C SER B 184 -8.61 8.78 -2.47
N GLN B 185 -8.99 9.34 -1.31
CA GLN B 185 -8.74 8.74 0.00
C GLN B 185 -9.53 7.43 0.15
N ALA B 186 -10.81 7.45 -0.28
CA ALA B 186 -11.74 6.31 -0.24
C ALA B 186 -11.27 5.17 -1.17
N LEU B 187 -10.61 5.52 -2.29
CA LEU B 187 -10.09 4.53 -3.26
C LEU B 187 -8.84 3.84 -2.74
N LEU B 188 -7.96 4.59 -2.01
CA LEU B 188 -6.73 4.03 -1.43
C LEU B 188 -7.06 3.13 -0.24
N ASN B 189 -8.17 3.40 0.46
CA ASN B 189 -8.65 2.62 1.61
C ASN B 189 -9.25 1.27 1.14
N ASN B 190 -9.57 1.17 -0.16
CA ASN B 190 -10.13 -0.03 -0.81
C ASN B 190 -9.31 -0.38 -2.07
N ILE B 191 -7.98 -0.15 -2.01
CA ILE B 191 -7.01 -0.36 -3.10
C ILE B 191 -6.90 -1.87 -3.48
N ASN B 192 -7.22 -2.79 -2.55
CA ASN B 192 -7.18 -4.24 -2.76
C ASN B 192 -8.19 -4.71 -3.82
N GLU B 193 -9.27 -3.94 -4.04
CA GLU B 193 -10.34 -4.22 -5.01
C GLU B 193 -10.11 -3.50 -6.35
N ILE B 194 -9.14 -2.58 -6.41
CA ILE B 194 -8.84 -1.79 -7.62
C ILE B 194 -7.48 -2.20 -8.20
N PHE B 195 -6.45 -2.29 -7.34
CA PHE B 195 -5.08 -2.63 -7.72
C PHE B 195 -4.69 -4.01 -7.18
N GLY B 196 -4.34 -4.94 -8.10
CA GLY B 196 -3.97 -6.32 -7.76
C GLY B 196 -2.72 -6.82 -8.48
N ILE B 197 -2.55 -8.16 -8.55
CA ILE B 197 -1.42 -8.86 -9.18
C ILE B 197 -1.40 -8.62 -10.70
N GLN B 198 -2.59 -8.68 -11.34
CA GLN B 198 -2.72 -8.46 -12.79
C GLN B 198 -2.39 -6.99 -13.16
N GLU B 199 -2.80 -6.05 -12.29
CA GLU B 199 -2.58 -4.61 -12.45
C GLU B 199 -1.08 -4.28 -12.34
N THR B 200 -0.33 -5.01 -11.48
CA THR B 200 1.10 -4.81 -11.29
C THR B 200 1.89 -5.41 -12.44
N LYS B 201 1.49 -6.60 -12.94
CA LYS B 201 2.14 -7.29 -14.06
C LYS B 201 2.15 -6.41 -15.32
N ASN B 202 1.00 -5.74 -15.61
CA ASN B 202 0.85 -4.82 -16.74
C ASN B 202 1.76 -3.60 -16.56
N MET B 203 1.92 -3.14 -15.30
CA MET B 203 2.77 -2.01 -14.93
C MET B 203 4.26 -2.40 -15.05
N LEU B 204 4.61 -3.63 -14.64
CA LEU B 204 5.98 -4.16 -14.69
C LEU B 204 6.42 -4.47 -16.12
N ASP B 205 5.46 -4.84 -17.01
CA ASP B 205 5.73 -5.12 -18.42
C ASP B 205 6.08 -3.85 -19.19
N GLN B 206 5.47 -2.71 -18.81
CA GLN B 206 5.74 -1.39 -19.38
C GLN B 206 7.10 -0.88 -18.87
N PHE B 207 7.40 -1.23 -17.60
CA PHE B 207 8.63 -0.90 -16.88
C PHE B 207 9.82 -1.71 -17.43
N GLU B 208 9.54 -2.89 -18.01
CA GLU B 208 10.52 -3.82 -18.60
C GLU B 208 11.19 -3.19 -19.82
N ASN B 209 10.45 -2.41 -20.63
CA ASN B 209 10.96 -1.73 -21.83
C ASN B 209 12.02 -0.68 -21.46
N ARG B 210 11.93 -0.13 -20.23
CA ARG B 210 12.81 0.89 -19.70
C ARG B 210 13.93 0.29 -18.83
N TYR B 211 13.59 -0.56 -17.83
CA TYR B 211 14.56 -1.18 -16.93
C TYR B 211 14.37 -2.71 -16.89
N PRO B 212 14.92 -3.46 -17.90
CA PRO B 212 14.73 -4.92 -17.92
C PRO B 212 15.61 -5.66 -16.89
N ASP B 213 16.88 -5.22 -16.72
CA ASP B 213 17.83 -5.85 -15.79
C ASP B 213 17.52 -5.52 -14.33
N LEU B 214 16.90 -4.35 -14.06
CA LEU B 214 16.48 -3.96 -12.71
C LEU B 214 15.30 -4.84 -12.28
N LEU B 215 14.40 -5.13 -13.24
CA LEU B 215 13.22 -6.00 -13.08
C LEU B 215 13.66 -7.46 -12.84
N GLU B 217 16.57 -8.58 -11.39
CA GLU B 217 17.17 -8.68 -10.06
C GLU B 217 16.10 -8.74 -8.96
N VAL B 218 14.95 -8.09 -9.19
CA VAL B 218 13.82 -8.05 -8.25
C VAL B 218 13.07 -9.41 -8.34
N PHE B 219 12.83 -9.91 -9.58
CA PHE B 219 12.13 -11.18 -9.82
C PHE B 219 12.94 -12.40 -9.35
N ARG B 220 14.25 -12.21 -9.09
CA ARG B 220 15.18 -13.22 -8.61
C ARG B 220 14.88 -13.60 -7.14
N HIS B 221 14.24 -12.69 -6.37
CA HIS B 221 13.97 -12.92 -4.95
C HIS B 221 12.47 -12.78 -4.57
N VAL B 222 11.74 -11.83 -5.18
CA VAL B 222 10.31 -11.65 -4.85
C VAL B 222 9.42 -11.92 -6.07
N THR B 223 8.27 -12.56 -5.81
CA THR B 223 7.25 -12.94 -6.81
C THR B 223 6.37 -11.73 -7.15
N ILE B 224 5.53 -11.87 -8.20
CA ILE B 224 4.59 -10.84 -8.68
C ILE B 224 3.58 -10.48 -7.56
N GLN B 225 3.17 -11.48 -6.76
CA GLN B 225 2.23 -11.33 -5.64
C GLN B 225 2.84 -10.46 -4.53
N ARG B 226 4.15 -10.67 -4.21
CA ARG B 226 4.86 -9.92 -3.18
C ARG B 226 5.09 -8.48 -3.61
N ILE B 227 5.37 -8.24 -4.92
CA ILE B 227 5.55 -6.90 -5.48
C ILE B 227 4.19 -6.19 -5.42
N SER B 228 3.10 -6.93 -5.73
CA SER B 228 1.72 -6.44 -5.66
C SER B 228 1.34 -6.07 -4.23
N GLU B 229 1.77 -6.90 -3.25
CA GLU B 229 1.50 -6.71 -1.82
C GLU B 229 2.21 -5.46 -1.29
N VAL B 230 3.50 -5.26 -1.66
CA VAL B 230 4.32 -4.10 -1.25
C VAL B 230 3.67 -2.82 -1.79
N LEU B 231 3.33 -2.79 -3.10
CA LEU B 231 2.71 -1.67 -3.78
C LEU B 231 1.35 -1.31 -3.15
N GLN B 232 0.53 -2.31 -2.79
CA GLN B 232 -0.78 -2.14 -2.14
C GLN B 232 -0.63 -1.58 -0.72
N ARG B 233 0.39 -2.04 0.03
CA ARG B 233 0.67 -1.60 1.40
C ARG B 233 1.17 -0.15 1.45
N LEU B 234 1.88 0.30 0.40
CA LEU B 234 2.39 1.66 0.30
C LEU B 234 1.25 2.64 0.01
N LEU B 235 0.39 2.31 -0.99
CA LEU B 235 -0.76 3.12 -1.41
C LEU B 235 -1.79 3.27 -0.27
N GLY B 236 -1.94 2.23 0.56
CA GLY B 236 -2.85 2.21 1.72
C GLY B 236 -2.47 3.25 2.79
N GLU B 237 -1.26 3.81 2.71
CA GLU B 237 -0.74 4.84 3.62
C GLU B 237 -0.32 6.10 2.83
N ASN B 238 -1.03 6.37 1.71
CA ASN B 238 -0.89 7.52 0.79
C ASN B 238 0.52 7.67 0.18
N ILE B 239 1.22 6.55 -0.12
CA ILE B 239 2.54 6.59 -0.75
C ILE B 239 2.37 6.21 -2.24
N SER B 240 2.78 7.12 -3.13
CA SER B 240 2.71 6.96 -4.59
C SER B 240 3.61 5.83 -5.09
N VAL B 241 3.17 5.15 -6.16
CA VAL B 241 3.94 4.06 -6.77
C VAL B 241 4.40 4.51 -8.19
N ARG B 242 4.30 5.83 -8.48
CA ARG B 242 4.70 6.44 -9.76
C ARG B 242 6.22 6.35 -9.95
N ASN B 243 6.98 6.46 -8.84
CA ASN B 243 8.44 6.31 -8.84
C ASN B 243 8.76 4.84 -8.51
N LEU B 244 8.36 3.94 -9.43
CA LEU B 244 8.52 2.49 -9.32
C LEU B 244 9.99 2.08 -9.35
N LYS B 245 10.85 2.84 -10.07
CA LYS B 245 12.30 2.62 -10.19
C LYS B 245 12.96 2.60 -8.81
N LEU B 246 12.58 3.54 -7.92
CA LEU B 246 13.12 3.64 -6.56
C LEU B 246 12.59 2.53 -5.66
N ILE B 247 11.32 2.11 -5.86
CA ILE B 247 10.68 1.02 -5.10
C ILE B 247 11.38 -0.30 -5.46
N MET B 248 11.60 -0.53 -6.78
CA MET B 248 12.27 -1.72 -7.31
C MET B 248 13.74 -1.77 -6.86
N GLU B 249 14.44 -0.61 -6.86
CA GLU B 249 15.83 -0.47 -6.40
C GLU B 249 15.95 -0.83 -4.91
N SER B 250 14.93 -0.45 -4.11
CA SER B 250 14.87 -0.74 -2.67
C SER B 250 14.57 -2.22 -2.44
N LEU B 251 13.70 -2.82 -3.26
CA LEU B 251 13.34 -4.24 -3.18
C LEU B 251 14.51 -5.13 -3.58
N ALA B 252 15.23 -4.77 -4.67
CA ALA B 252 16.39 -5.53 -5.18
C ALA B 252 17.54 -5.59 -4.17
N LEU B 253 17.64 -4.58 -3.29
CA LEU B 253 18.67 -4.46 -2.26
C LEU B 253 18.29 -5.22 -0.99
N TRP B 254 17.01 -5.16 -0.57
CA TRP B 254 16.55 -5.75 0.68
C TRP B 254 15.88 -7.14 0.57
N ALA B 255 15.29 -7.50 -0.59
CA ALA B 255 14.63 -8.81 -0.77
C ALA B 255 15.60 -10.02 -0.59
N PRO B 256 16.93 -9.92 -0.93
CA PRO B 256 17.81 -11.06 -0.66
C PRO B 256 18.16 -11.18 0.83
N ARG B 257 17.99 -10.08 1.60
CA ARG B 257 18.27 -10.02 3.05
C ARG B 257 17.01 -10.34 3.86
N GLU B 258 15.90 -9.59 3.63
CA GLU B 258 14.63 -9.76 4.33
C GLU B 258 13.63 -10.59 3.51
N ASP B 260 10.28 -10.95 4.61
CA ASP B 260 9.00 -10.58 5.23
C ASP B 260 8.50 -9.27 4.60
N VAL B 261 7.29 -9.33 3.99
CA VAL B 261 6.62 -8.24 3.26
C VAL B 261 6.49 -6.95 4.09
N ILE B 262 5.92 -7.06 5.32
CA ILE B 262 5.69 -5.90 6.21
C ILE B 262 6.99 -5.15 6.54
N THR B 263 8.11 -5.88 6.80
CA THR B 263 9.41 -5.27 7.09
C THR B 263 10.06 -4.75 5.80
N LEU B 264 9.78 -5.41 4.65
CA LEU B 264 10.28 -5.04 3.33
C LEU B 264 9.68 -3.71 2.87
N VAL B 265 8.39 -3.45 3.23
CA VAL B 265 7.66 -2.21 2.93
C VAL B 265 8.31 -1.06 3.71
N GLU B 266 8.70 -1.32 4.99
CA GLU B 266 9.36 -0.36 5.88
C GLU B 266 10.69 0.11 5.30
N HIS B 267 11.44 -0.79 4.62
CA HIS B 267 12.70 -0.48 3.96
C HIS B 267 12.48 0.41 2.74
N VAL B 268 11.36 0.19 2.01
CA VAL B 268 10.96 0.98 0.83
C VAL B 268 10.51 2.38 1.32
N ARG B 269 9.83 2.43 2.48
CA ARG B 269 9.37 3.67 3.11
C ARG B 269 10.54 4.57 3.50
N ALA B 270 11.62 3.98 4.07
CA ALA B 270 12.83 4.67 4.49
C ALA B 270 13.60 5.28 3.30
N SER B 271 13.57 4.61 2.14
CA SER B 271 14.23 5.08 0.92
C SER B 271 13.42 6.19 0.24
N LEU B 272 12.11 6.29 0.56
CA LEU B 272 11.19 7.29 0.03
C LEU B 272 10.96 8.42 1.06
N SER B 273 11.92 8.63 1.98
CA SER B 273 11.88 9.63 3.05
C SER B 273 11.72 11.06 2.54
N ARG B 274 12.39 11.40 1.41
CA ARG B 274 12.33 12.74 0.80
C ARG B 274 10.94 13.04 0.25
N TYR B 275 10.27 12.03 -0.34
CA TYR B 275 8.91 12.16 -0.90
C TYR B 275 7.88 12.30 0.22
N ILE B 276 7.98 11.44 1.26
CA ILE B 276 7.08 11.40 2.42
C ILE B 276 7.09 12.77 3.12
N CYS B 277 8.28 13.31 3.41
CA CYS B 277 8.47 14.62 4.07
C CYS B 277 7.92 15.76 3.22
N SER B 278 8.05 15.68 1.89
CA SER B 278 7.59 16.70 0.94
C SER B 278 6.06 16.86 0.93
N LYS B 279 5.32 15.74 1.10
CA LYS B 279 3.85 15.72 1.09
C LYS B 279 3.22 16.06 2.45
N ILE B 280 3.96 15.89 3.57
CA ILE B 280 3.42 16.14 4.92
C ILE B 280 3.92 17.50 5.51
N ALA B 281 4.86 18.19 4.82
CA ALA B 281 5.40 19.47 5.31
C ALA B 281 4.71 20.68 4.68
N VAL B 282 4.67 21.79 5.45
CA VAL B 282 4.13 23.08 5.04
C VAL B 282 5.19 24.14 5.33
N SER B 283 5.73 24.77 4.27
CA SER B 283 6.80 25.79 4.28
C SER B 283 8.08 25.27 4.97
N GLY B 284 8.42 23.99 4.70
CA GLY B 284 9.59 23.30 5.24
C GLY B 284 9.47 22.99 6.74
N GLU B 285 8.25 22.68 7.21
CA GLU B 285 7.99 22.35 8.61
C GLU B 285 6.96 21.22 8.72
N ILE B 286 7.29 20.17 9.49
CA ILE B 286 6.40 19.02 9.70
C ILE B 286 5.82 19.08 11.12
N VAL B 288 4.49 17.35 13.93
CA VAL B 288 4.49 15.99 14.48
C VAL B 288 3.89 15.96 15.90
N VAL B 289 3.42 14.76 16.30
CA VAL B 289 2.90 14.48 17.64
C VAL B 289 3.67 13.25 18.12
N MET B 290 4.59 13.48 19.07
CA MET B 290 5.48 12.45 19.63
C MET B 290 4.75 11.56 20.65
N LEU B 291 5.42 10.49 21.08
CA LEU B 291 4.91 9.53 22.06
C LEU B 291 5.87 9.42 23.25
N SER B 292 5.31 9.49 24.47
CA SER B 292 6.08 9.40 25.72
C SER B 292 6.69 8.02 25.90
N GLY B 293 7.77 7.92 26.68
CA GLY B 293 8.51 6.70 26.97
C GLY B 293 7.63 5.53 27.42
N TYR B 294 6.63 5.79 28.28
CA TYR B 294 5.70 4.79 28.82
C TYR B 294 4.77 4.22 27.73
N ILE B 295 4.08 5.09 26.96
CA ILE B 295 3.15 4.71 25.89
C ILE B 295 3.90 3.96 24.77
N GLU B 296 5.14 4.41 24.44
CA GLU B 296 6.01 3.80 23.44
C GLU B 296 6.44 2.39 23.87
N ASP B 297 6.76 2.22 25.17
CA ASP B 297 7.17 0.94 25.76
C ASP B 297 5.99 -0.02 25.92
N ALA B 298 4.77 0.51 26.15
CA ALA B 298 3.55 -0.28 26.33
C ALA B 298 3.13 -0.97 25.02
N ILE B 299 3.30 -0.28 23.87
CA ILE B 299 2.99 -0.80 22.53
C ILE B 299 4.04 -1.86 22.16
N ARG B 300 5.32 -1.63 22.53
CA ARG B 300 6.46 -2.51 22.27
C ARG B 300 6.23 -3.93 22.82
N GLY B 302 3.21 -5.13 23.38
CA GLY B 302 1.92 -5.53 22.81
C GLY B 302 2.06 -6.58 21.70
N ILE B 303 3.25 -6.61 21.04
CA ILE B 303 3.59 -7.55 19.98
C ILE B 303 3.72 -8.96 20.58
N ARG B 304 2.93 -9.93 20.08
CA ARG B 304 2.90 -11.30 20.59
C ARG B 304 3.67 -12.28 19.69
N GLN B 305 3.17 -12.55 18.47
CA GLN B 305 3.76 -13.48 17.51
C GLN B 305 5.06 -12.92 16.94
N MET B 314 2.42 -12.02 13.18
CA MET B 314 2.65 -10.81 13.96
C MET B 314 1.34 -10.06 14.18
N ASP B 315 1.00 -9.80 15.45
CA ASP B 315 -0.23 -9.09 15.84
C ASP B 315 0.02 -8.19 17.05
N ILE B 316 -0.81 -7.12 17.20
CA ILE B 316 -0.70 -6.16 18.29
C ILE B 316 -1.96 -6.21 19.18
N GLU B 317 -1.75 -6.28 20.51
CA GLU B 317 -2.79 -6.32 21.54
C GLU B 317 -2.34 -5.59 22.80
N VAL B 318 -3.02 -4.45 23.10
CA VAL B 318 -2.71 -3.61 24.27
C VAL B 318 -3.97 -3.45 25.14
N SER B 319 -3.79 -3.00 26.40
CA SER B 319 -4.87 -2.77 27.36
C SER B 319 -5.73 -1.56 26.97
N ASP B 320 -6.98 -1.51 27.49
CA ASP B 320 -7.94 -0.43 27.22
C ASP B 320 -7.50 0.92 27.81
N GLU B 321 -6.68 0.90 28.88
CA GLU B 321 -6.16 2.09 29.56
C GLU B 321 -5.17 2.85 28.67
N VAL B 322 -4.22 2.13 28.04
CA VAL B 322 -3.20 2.70 27.13
C VAL B 322 -3.90 3.19 25.85
N MET B 323 -4.90 2.42 25.37
CA MET B 323 -5.70 2.72 24.18
C MET B 323 -6.50 4.03 24.38
N GLU B 324 -7.10 4.22 25.57
CA GLU B 324 -7.88 5.41 25.92
C GLU B 324 -6.99 6.65 25.99
N THR B 325 -5.76 6.51 26.54
CA THR B 325 -4.78 7.60 26.67
C THR B 325 -4.37 8.10 25.26
N LEU B 326 -4.18 7.16 24.32
CA LEU B 326 -3.80 7.44 22.93
C LEU B 326 -4.99 8.02 22.13
N ALA B 327 -6.21 7.53 22.39
CA ALA B 327 -7.42 7.97 21.69
C ALA B 327 -7.90 9.36 22.13
N HIS B 328 -7.85 9.66 23.45
CA HIS B 328 -8.28 10.94 24.02
C HIS B 328 -7.39 12.10 23.54
N ALA B 329 -6.07 11.92 23.52
CA ALA B 329 -5.11 12.92 23.08
C ALA B 329 -5.20 13.18 21.57
N LEU B 330 -5.50 12.13 20.78
CA LEU B 330 -5.67 12.21 19.33
C LEU B 330 -6.96 12.94 18.98
N ARG B 331 -8.06 12.68 19.72
CA ARG B 331 -9.37 13.30 19.55
C ARG B 331 -9.32 14.79 19.92
N GLU B 332 -8.51 15.15 20.94
CA GLU B 332 -8.31 16.51 21.43
C GLU B 332 -7.60 17.38 20.39
N LEU B 333 -6.70 16.76 19.58
CA LEU B 333 -5.94 17.42 18.53
C LEU B 333 -6.68 17.36 17.17
N ARG B 334 -7.71 16.49 17.05
CA ARG B 334 -8.49 16.32 15.82
C ARG B 334 -9.73 17.23 15.84
N ASN B 335 -10.49 17.25 16.96
CA ASN B 335 -11.69 18.09 17.12
C ASN B 335 -11.32 19.57 16.97
N ALA B 336 -10.23 19.99 17.64
CA ALA B 336 -9.70 21.34 17.52
C ALA B 336 -8.84 21.39 16.26
N ASN B 339 -4.06 19.94 11.80
CA ASN B 339 -3.59 18.88 10.91
C ASN B 339 -2.17 18.48 11.31
N PHE B 340 -1.96 17.18 11.61
CA PHE B 340 -0.66 16.69 12.09
C PHE B 340 -0.30 15.28 11.55
N VAL B 341 0.89 14.81 11.95
CA VAL B 341 1.46 13.50 11.62
C VAL B 341 1.98 12.88 12.95
N LEU B 342 1.98 11.54 13.06
CA LEU B 342 2.43 10.88 14.29
C LEU B 342 3.83 10.29 14.11
N LEU B 343 4.82 10.86 14.84
CA LEU B 343 6.22 10.41 14.79
C LEU B 343 6.51 9.44 15.94
N VAL B 344 6.75 8.16 15.59
CA VAL B 344 7.03 7.07 16.54
C VAL B 344 8.33 6.33 16.17
N SER B 345 8.68 5.29 16.94
CA SER B 345 9.87 4.46 16.73
C SER B 345 9.68 3.57 15.49
N VAL B 346 10.79 3.19 14.84
CA VAL B 346 10.85 2.37 13.61
C VAL B 346 10.26 0.96 13.85
N ASP B 347 10.59 0.34 15.00
CA ASP B 347 10.16 -1.02 15.37
C ASP B 347 8.66 -1.14 15.70
N ILE B 348 7.98 -0.03 16.02
CA ILE B 348 6.55 -0.06 16.40
C ILE B 348 5.64 0.75 15.43
N ARG B 349 6.24 1.40 14.41
CA ARG B 349 5.52 2.24 13.41
C ARG B 349 4.34 1.50 12.75
N ARG B 350 4.55 0.25 12.30
CA ARG B 350 3.52 -0.57 11.65
C ARG B 350 2.45 -1.03 12.65
N PHE B 351 2.82 -1.22 13.93
CA PHE B 351 1.93 -1.68 15.00
C PHE B 351 1.04 -0.55 15.53
N VAL B 352 1.58 0.68 15.61
CA VAL B 352 0.85 1.88 16.08
C VAL B 352 -0.26 2.19 15.05
N ARG B 354 -1.94 0.09 13.05
CA ARG B 354 -3.02 -0.89 13.20
C ARG B 354 -3.92 -0.60 14.42
N LEU B 355 -3.38 0.10 15.43
CA LEU B 355 -4.12 0.45 16.64
C LEU B 355 -5.04 1.66 16.46
N ILE B 356 -4.78 2.52 15.46
CA ILE B 356 -5.57 3.74 15.25
C ILE B 356 -6.33 3.77 13.90
N ASP B 357 -5.86 3.04 12.85
CA ASP B 357 -6.48 3.04 11.51
C ASP B 357 -7.99 2.73 11.50
N ASN B 358 -8.47 1.84 12.40
CA ASN B 358 -9.89 1.49 12.47
C ASN B 358 -10.70 2.56 13.21
N ARG B 359 -10.06 3.32 14.14
CA ARG B 359 -10.70 4.38 14.90
C ARG B 359 -10.64 5.73 14.16
N PHE B 360 -9.45 6.10 13.61
CA PHE B 360 -9.18 7.34 12.87
C PHE B 360 -8.39 7.03 11.59
N SER B 362 -7.47 9.54 9.00
CA SER B 362 -6.83 10.72 8.39
C SER B 362 -5.42 11.01 8.96
N ILE B 363 -5.04 10.33 10.06
CA ILE B 363 -3.74 10.48 10.70
C ILE B 363 -2.73 9.49 10.10
N LEU B 364 -1.56 10.01 9.66
CA LEU B 364 -0.46 9.23 9.09
C LEU B 364 0.57 8.88 10.16
N VAL B 365 1.09 7.64 10.13
CA VAL B 365 2.10 7.16 11.10
C VAL B 365 3.47 7.17 10.39
N ILE B 366 4.43 7.96 10.93
CA ILE B 366 5.78 8.14 10.39
C ILE B 366 6.83 7.74 11.44
N SER B 367 7.97 7.16 11.01
CA SER B 367 9.07 6.75 11.88
C SER B 367 10.24 7.75 11.83
N TYR B 368 11.19 7.65 12.78
CA TYR B 368 12.39 8.51 12.88
C TYR B 368 13.33 8.33 11.69
N ALA B 369 13.29 7.14 11.04
CA ALA B 369 14.11 6.84 9.87
C ALA B 369 13.52 7.46 8.61
N GLU B 370 12.19 7.69 8.61
CA GLU B 370 11.43 8.26 7.50
C GLU B 370 11.50 9.80 7.47
N ILE B 371 11.98 10.47 8.54
CA ILE B 371 12.10 11.93 8.55
C ILE B 371 13.49 12.31 8.04
N ASP B 372 13.51 13.07 6.92
CA ASP B 372 14.70 13.55 6.23
C ASP B 372 15.25 14.81 6.88
N GLU B 373 16.58 15.04 6.74
CA GLU B 373 17.28 16.22 7.25
C GLU B 373 16.85 17.50 6.50
N ALA B 374 17.21 18.68 7.05
CA ALA B 374 16.89 20.03 6.54
C ALA B 374 15.36 20.27 6.55
N TYR B 375 14.65 19.59 7.48
CA TYR B 375 13.21 19.70 7.71
C TYR B 375 12.97 20.04 9.16
N THR B 376 12.25 21.15 9.42
CA THR B 376 11.94 21.62 10.77
C THR B 376 10.90 20.70 11.41
N ILE B 377 11.27 20.05 12.52
CA ILE B 377 10.40 19.14 13.27
C ILE B 377 9.69 19.96 14.36
N ASN B 378 8.36 20.08 14.26
CA ASN B 378 7.53 20.82 15.20
C ASN B 378 6.65 19.86 16.01
N VAL B 379 7.03 19.64 17.29
CA VAL B 379 6.30 18.75 18.20
C VAL B 379 5.11 19.54 18.80
N LEU B 380 3.88 19.04 18.58
CA LEU B 380 2.65 19.65 19.07
C LEU B 380 2.25 19.06 20.43
N THR B 382 2.89 15.27 23.26
CA THR B 382 3.56 14.03 23.62
C THR B 382 2.59 13.19 24.46
N ILE B 383 2.04 12.13 23.86
CA ILE B 383 1.06 11.23 24.49
C ILE B 383 1.80 10.27 25.42
N ILE C 53 -32.19 -43.83 -25.97
CA ILE C 53 -31.23 -44.32 -25.00
C ILE C 53 -30.52 -43.13 -24.32
N SER C 54 -30.63 -43.03 -22.99
CA SER C 54 -30.04 -41.96 -22.18
C SER C 54 -28.58 -42.31 -21.80
N SER C 55 -27.91 -41.41 -21.03
CA SER C 55 -26.53 -41.59 -20.58
C SER C 55 -26.34 -41.12 -19.14
N GLU C 56 -26.98 -39.99 -18.75
CA GLU C 56 -26.90 -39.41 -17.40
C GLU C 56 -28.23 -38.78 -16.97
N THR C 57 -28.40 -38.58 -15.65
CA THR C 57 -29.60 -37.97 -15.04
C THR C 57 -29.68 -36.48 -15.36
N VAL C 58 -30.90 -35.96 -15.56
CA VAL C 58 -31.14 -34.55 -15.87
C VAL C 58 -30.97 -33.72 -14.58
N PRO C 59 -30.07 -32.69 -14.59
CA PRO C 59 -29.72 -31.90 -13.40
C PRO C 59 -30.89 -31.18 -12.70
N LEU C 60 -31.73 -30.42 -13.43
CA LEU C 60 -32.82 -29.66 -12.81
C LEU C 60 -34.17 -29.87 -13.49
N ILE C 61 -35.20 -30.17 -12.66
CA ILE C 61 -36.58 -30.39 -13.09
C ILE C 61 -37.51 -29.65 -12.11
N LEU C 62 -38.39 -28.78 -12.65
CA LEU C 62 -39.36 -28.05 -11.84
C LEU C 62 -40.76 -28.61 -12.13
N LEU C 63 -41.25 -29.46 -11.22
CA LEU C 63 -42.55 -30.11 -11.31
C LEU C 63 -43.67 -29.14 -10.91
N PHE C 64 -44.66 -28.95 -11.81
CA PHE C 64 -45.79 -28.04 -11.63
C PHE C 64 -47.13 -28.78 -11.74
N ALA C 65 -48.24 -28.07 -11.45
CA ALA C 65 -49.62 -28.60 -11.50
C ALA C 65 -50.14 -28.64 -12.94
N GLU C 66 -51.17 -29.48 -13.19
CA GLU C 66 -51.80 -29.64 -14.49
C GLU C 66 -52.78 -28.49 -14.76
N ASP C 73 -44.87 -18.37 -21.33
CA ASP C 73 -44.87 -17.58 -20.10
C ASP C 73 -44.12 -18.30 -18.97
N MET C 74 -44.29 -19.64 -18.86
CA MET C 74 -43.64 -20.48 -17.86
C MET C 74 -42.13 -20.59 -18.14
N GLU C 75 -41.75 -20.67 -19.43
CA GLU C 75 -40.36 -20.76 -19.88
C GLU C 75 -39.63 -19.42 -19.67
N GLY C 76 -40.39 -18.30 -19.69
CA GLY C 76 -39.87 -16.95 -19.47
C GLY C 76 -39.44 -16.80 -18.01
N LEU C 77 -40.20 -17.41 -17.07
CA LEU C 77 -39.94 -17.42 -15.63
C LEU C 77 -38.65 -18.19 -15.32
N ILE C 78 -38.47 -19.38 -15.94
CA ILE C 78 -37.31 -20.27 -15.79
C ILE C 78 -36.03 -19.51 -16.21
N GLU C 79 -36.07 -18.80 -17.35
CA GLU C 79 -34.92 -18.04 -17.87
C GLU C 79 -34.64 -16.80 -17.01
N ARG C 80 -35.68 -16.24 -16.35
CA ARG C 80 -35.55 -15.08 -15.46
C ARG C 80 -34.85 -15.48 -14.16
N ILE C 81 -35.14 -16.70 -13.64
CA ILE C 81 -34.54 -17.26 -12.43
C ILE C 81 -33.05 -17.55 -12.72
N ARG C 82 -32.76 -18.17 -13.88
CA ARG C 82 -31.42 -18.51 -14.35
C ARG C 82 -30.55 -17.25 -14.49
N SER C 83 -31.15 -16.13 -14.97
CA SER C 83 -30.49 -14.85 -15.16
C SER C 83 -30.19 -14.17 -13.83
N GLN C 84 -31.19 -14.10 -12.92
CA GLN C 84 -31.08 -13.46 -11.60
C GLN C 84 -30.09 -14.18 -10.69
N PHE C 85 -30.04 -15.53 -10.73
CA PHE C 85 -29.13 -16.34 -9.92
C PHE C 85 -27.67 -16.07 -10.32
N PHE C 86 -27.43 -15.70 -11.59
CA PHE C 86 -26.11 -15.37 -12.11
C PHE C 86 -25.72 -13.95 -11.69
N ILE C 87 -26.71 -13.05 -11.50
CA ILE C 87 -26.46 -11.66 -11.08
C ILE C 87 -26.22 -11.66 -9.56
N ASP C 88 -27.06 -12.39 -8.80
CA ASP C 88 -27.02 -12.48 -7.34
C ASP C 88 -25.90 -13.36 -6.79
N TYR C 89 -25.51 -14.44 -7.49
CA TYR C 89 -24.50 -15.37 -6.96
C TYR C 89 -23.32 -15.65 -7.92
N GLY C 90 -23.47 -15.39 -9.22
CA GLY C 90 -22.39 -15.61 -10.21
C GLY C 90 -22.19 -17.08 -10.59
N VAL C 91 -23.28 -17.87 -10.62
CA VAL C 91 -23.25 -19.28 -10.98
C VAL C 91 -24.19 -19.51 -12.16
N ARG C 92 -23.64 -20.06 -13.26
CA ARG C 92 -24.37 -20.39 -14.48
C ARG C 92 -25.15 -21.69 -14.25
N LEU C 93 -26.45 -21.56 -13.91
CA LEU C 93 -27.34 -22.69 -13.64
C LEU C 93 -27.63 -23.51 -14.90
N PRO C 94 -27.85 -24.85 -14.76
CA PRO C 94 -28.20 -25.68 -15.92
C PRO C 94 -29.65 -25.42 -16.35
N THR C 95 -29.97 -25.73 -17.61
CA THR C 95 -31.31 -25.54 -18.19
C THR C 95 -32.32 -26.43 -17.44
N ILE C 96 -33.35 -25.79 -16.87
CA ILE C 96 -34.39 -26.46 -16.07
C ILE C 96 -35.51 -27.01 -16.97
N LEU C 97 -35.88 -28.27 -16.73
CA LEU C 97 -36.94 -28.98 -17.45
C LEU C 97 -38.28 -28.74 -16.76
N TYR C 98 -39.32 -28.42 -17.57
CA TYR C 98 -40.67 -28.16 -17.07
C TYR C 98 -41.62 -29.28 -17.52
N ARG C 99 -42.35 -29.87 -16.56
CA ARG C 99 -43.33 -30.94 -16.78
C ARG C 99 -44.43 -30.90 -15.70
N THR C 100 -45.68 -31.17 -16.10
CA THR C 100 -46.86 -31.16 -15.24
C THR C 100 -47.13 -32.54 -14.63
N SER C 101 -47.57 -32.57 -13.35
CA SER C 101 -47.89 -33.79 -12.61
C SER C 101 -49.31 -33.70 -12.01
N ASN C 102 -50.07 -34.80 -12.15
CA ASN C 102 -51.45 -34.90 -11.67
C ASN C 102 -51.52 -35.04 -10.13
N GLU C 103 -50.45 -35.58 -9.52
CA GLU C 103 -50.34 -35.79 -8.07
C GLU C 103 -50.19 -34.48 -7.27
N LEU C 104 -49.68 -33.41 -7.92
CA LEU C 104 -49.43 -32.11 -7.29
C LEU C 104 -50.68 -31.22 -7.18
N VAL C 106 -52.53 -27.21 -7.03
CA VAL C 106 -52.53 -25.99 -7.85
C VAL C 106 -51.41 -24.99 -7.43
N ASP C 107 -50.96 -25.05 -6.16
CA ASP C 107 -49.91 -24.17 -5.62
C ASP C 107 -48.57 -24.91 -5.45
N ASP C 108 -48.61 -26.26 -5.41
CA ASP C 108 -47.44 -27.11 -5.21
C ASP C 108 -46.46 -27.08 -6.39
N ILE C 109 -45.19 -26.79 -6.07
CA ILE C 109 -44.04 -26.75 -6.99
C ILE C 109 -42.93 -27.59 -6.34
N VAL C 110 -42.47 -28.65 -7.03
CA VAL C 110 -41.45 -29.54 -6.48
C VAL C 110 -40.18 -29.47 -7.33
N LEU C 111 -39.04 -29.18 -6.68
CA LEU C 111 -37.72 -29.11 -7.31
C LEU C 111 -37.09 -30.50 -7.29
N LEU C 112 -36.59 -30.95 -8.45
CA LEU C 112 -35.94 -32.25 -8.59
C LEU C 112 -34.50 -32.08 -9.08
N ILE C 113 -33.53 -32.47 -8.23
CA ILE C 113 -32.11 -32.42 -8.55
C ILE C 113 -31.64 -33.85 -8.80
N ASN C 114 -31.20 -34.12 -10.05
CA ASN C 114 -30.73 -35.41 -10.57
C ASN C 114 -31.86 -36.48 -10.45
N GLU C 115 -33.09 -36.09 -10.89
CA GLU C 115 -34.33 -36.87 -10.90
C GLU C 115 -34.76 -37.35 -9.49
N VAL C 116 -34.26 -36.68 -8.43
CA VAL C 116 -34.56 -36.97 -7.02
C VAL C 116 -35.14 -35.69 -6.39
N ARG C 117 -36.22 -35.83 -5.58
CA ARG C 117 -36.89 -34.73 -4.89
C ARG C 117 -35.90 -33.99 -3.97
N ALA C 118 -35.81 -32.65 -4.14
CA ALA C 118 -34.90 -31.81 -3.36
C ALA C 118 -35.65 -30.90 -2.40
N ASP C 119 -36.70 -30.19 -2.88
CA ASP C 119 -37.50 -29.27 -2.07
C ASP C 119 -38.89 -29.05 -2.66
N SER C 120 -39.88 -28.75 -1.78
CA SER C 120 -41.26 -28.46 -2.15
C SER C 120 -41.58 -26.98 -1.86
N PHE C 121 -42.43 -26.36 -2.70
CA PHE C 121 -42.78 -24.94 -2.58
C PHE C 121 -44.28 -24.71 -2.69
N ASN C 122 -44.78 -23.67 -1.99
CA ASN C 122 -46.19 -23.25 -1.99
C ASN C 122 -46.26 -21.77 -2.37
N ILE C 123 -46.49 -21.49 -3.67
CA ILE C 123 -46.55 -20.14 -4.22
C ILE C 123 -47.85 -19.96 -5.02
N TYR C 124 -48.55 -18.84 -4.75
CA TYR C 124 -49.79 -18.44 -5.41
C TYR C 124 -49.46 -17.29 -6.37
N PHE C 125 -49.28 -17.62 -7.66
CA PHE C 125 -48.87 -16.69 -8.71
C PHE C 125 -49.88 -15.58 -9.04
N ASP C 126 -51.17 -15.77 -8.71
CA ASP C 126 -52.21 -14.77 -8.97
C ASP C 126 -52.39 -13.79 -7.79
N VAL C 128 -50.13 -11.51 -4.50
CA VAL C 128 -48.88 -10.99 -3.92
C VAL C 128 -48.71 -11.50 -2.46
N CYS C 129 -47.60 -11.16 -1.79
CA CYS C 129 -47.32 -11.61 -0.42
C CYS C 129 -46.50 -10.59 0.38
N ILE C 130 -46.64 -10.64 1.73
CA ILE C 130 -45.94 -9.78 2.68
C ILE C 130 -45.20 -10.65 3.73
N THR C 131 -44.25 -10.04 4.45
CA THR C 131 -43.45 -10.71 5.49
C THR C 131 -44.11 -10.54 6.85
N VAL C 144 -56.45 -14.21 4.43
CA VAL C 144 -54.99 -14.31 4.45
C VAL C 144 -54.59 -15.80 4.49
N VAL C 145 -53.78 -16.24 3.51
CA VAL C 145 -53.28 -17.61 3.39
C VAL C 145 -51.83 -17.64 3.89
N SER C 146 -51.51 -18.59 4.79
CA SER C 146 -50.17 -18.71 5.38
C SER C 146 -49.49 -20.04 5.03
N THR C 147 -48.18 -19.97 4.74
CA THR C 147 -47.31 -21.11 4.43
C THR C 147 -45.91 -20.83 5.02
N SER C 148 -45.10 -21.88 5.25
CA SER C 148 -43.78 -21.71 5.85
C SER C 148 -42.66 -22.35 5.03
N TYR C 149 -41.50 -21.67 4.98
CA TYR C 149 -40.28 -22.10 4.32
C TYR C 149 -39.09 -21.79 5.23
N ASN C 150 -38.26 -22.81 5.55
CA ASN C 150 -37.12 -22.77 6.46
C ASN C 150 -37.58 -22.36 7.88
N GLU C 151 -38.77 -22.86 8.28
CA GLU C 151 -39.48 -22.66 9.55
C GLU C 151 -39.79 -21.15 9.80
N ARG C 152 -40.07 -20.40 8.71
CA ARG C 152 -40.41 -18.97 8.74
C ARG C 152 -41.73 -18.77 7.99
N VAL C 153 -42.77 -18.32 8.72
CA VAL C 153 -44.13 -18.10 8.19
C VAL C 153 -44.19 -16.90 7.24
N ILE C 154 -44.89 -17.09 6.10
CA ILE C 154 -45.09 -16.10 5.04
C ILE C 154 -46.61 -15.90 4.84
N SER C 155 -47.07 -14.63 4.83
CA SER C 155 -48.49 -14.28 4.64
C SER C 155 -48.77 -13.88 3.20
N TRP C 156 -49.83 -14.46 2.61
CA TRP C 156 -50.26 -14.20 1.22
C TRP C 156 -51.62 -13.50 1.20
N VAL C 157 -51.71 -12.41 0.41
CA VAL C 157 -52.92 -11.59 0.24
C VAL C 157 -53.20 -11.34 -1.27
N ASP C 158 -54.44 -10.93 -1.61
CA ASP C 158 -54.84 -10.66 -2.99
C ASP C 158 -54.14 -9.40 -3.56
N VAL C 159 -54.08 -9.29 -4.90
CA VAL C 159 -53.45 -8.20 -5.65
C VAL C 159 -54.20 -6.85 -5.44
N SER C 160 -55.48 -6.89 -5.02
CA SER C 160 -56.31 -5.71 -4.80
C SER C 160 -56.01 -5.02 -3.45
N TYR C 161 -55.64 -5.80 -2.42
CA TYR C 161 -55.35 -5.30 -1.07
C TYR C 161 -54.00 -4.54 -0.96
N THR C 162 -53.09 -4.71 -1.95
CA THR C 162 -51.78 -4.05 -1.96
C THR C 162 -51.90 -2.54 -2.18
N GLU C 163 -52.90 -2.11 -2.98
CA GLU C 163 -53.15 -0.70 -3.29
C GLU C 163 -53.75 0.04 -2.10
N ILE C 172 -43.65 -5.33 0.59
CA ILE C 172 -44.45 -6.23 -0.25
C ILE C 172 -43.57 -6.77 -1.38
N SER C 174 -43.38 -9.52 -4.85
CA SER C 174 -44.11 -10.23 -5.90
C SER C 174 -44.04 -11.77 -5.73
N ALA C 175 -45.05 -12.47 -6.26
CA ALA C 175 -45.18 -13.93 -6.21
C ALA C 175 -44.03 -14.64 -6.95
N GLN C 176 -43.61 -14.09 -8.10
CA GLN C 176 -42.51 -14.61 -8.91
C GLN C 176 -41.16 -14.37 -8.22
N ASP C 177 -41.00 -13.21 -7.56
CA ASP C 177 -39.78 -12.83 -6.84
C ASP C 177 -39.62 -13.64 -5.55
N GLU C 178 -40.74 -14.00 -4.90
CA GLU C 178 -40.71 -14.79 -3.67
C GLU C 178 -40.41 -16.26 -3.98
N PHE C 179 -40.90 -16.77 -5.12
CA PHE C 179 -40.63 -18.13 -5.57
C PHE C 179 -39.14 -18.30 -5.89
N TYR C 180 -38.53 -17.26 -6.50
CA TYR C 180 -37.10 -17.23 -6.83
C TYR C 180 -36.27 -17.29 -5.56
N HIS C 181 -36.64 -16.51 -4.52
CA HIS C 181 -35.96 -16.44 -3.22
C HIS C 181 -35.97 -17.81 -2.52
N GLN C 182 -37.12 -18.53 -2.58
CA GLN C 182 -37.28 -19.86 -2.00
C GLN C 182 -36.51 -20.91 -2.79
N LEU C 183 -36.53 -20.81 -4.15
CA LEU C 183 -35.85 -21.74 -5.05
C LEU C 183 -34.33 -21.58 -4.95
N SER C 184 -33.81 -20.33 -4.95
CA SER C 184 -32.38 -20.01 -4.87
C SER C 184 -31.73 -20.58 -3.61
N GLN C 185 -32.44 -20.51 -2.45
CA GLN C 185 -31.97 -21.03 -1.17
C GLN C 185 -31.81 -22.56 -1.23
N ALA C 186 -32.76 -23.26 -1.87
CA ALA C 186 -32.75 -24.72 -2.05
C ALA C 186 -31.59 -25.15 -2.96
N LEU C 187 -31.26 -24.32 -3.97
CA LEU C 187 -30.18 -24.57 -4.93
C LEU C 187 -28.81 -24.43 -4.26
N LEU C 188 -28.66 -23.46 -3.34
CA LEU C 188 -27.41 -23.21 -2.61
C LEU C 188 -27.17 -24.29 -1.55
N ASN C 189 -28.26 -24.87 -1.00
CA ASN C 189 -28.19 -25.95 0.00
C ASN C 189 -27.72 -27.27 -0.64
N ASN C 190 -27.93 -27.42 -1.96
CA ASN C 190 -27.53 -28.58 -2.75
C ASN C 190 -26.64 -28.14 -3.94
N ILE C 191 -25.76 -27.14 -3.70
CA ILE C 191 -24.84 -26.57 -4.69
C ILE C 191 -23.75 -27.58 -5.12
N ASN C 192 -23.45 -28.58 -4.27
CA ASN C 192 -22.46 -29.63 -4.52
C ASN C 192 -22.84 -30.52 -5.71
N GLU C 193 -24.14 -30.58 -6.07
CA GLU C 193 -24.67 -31.36 -7.19
C GLU C 193 -24.78 -30.51 -8.47
N ILE C 194 -24.87 -29.17 -8.32
CA ILE C 194 -25.01 -28.23 -9.44
C ILE C 194 -23.63 -27.66 -9.84
N PHE C 195 -22.92 -27.04 -8.89
CA PHE C 195 -21.61 -26.42 -9.11
C PHE C 195 -20.50 -27.34 -8.61
N GLY C 196 -19.59 -27.76 -9.51
CA GLY C 196 -18.48 -28.65 -9.18
C GLY C 196 -17.13 -28.18 -9.72
N ILE C 197 -16.17 -29.12 -9.83
CA ILE C 197 -14.79 -28.90 -10.30
C ILE C 197 -14.80 -28.50 -11.79
N GLN C 198 -15.64 -29.16 -12.62
CA GLN C 198 -15.75 -28.87 -14.05
C GLN C 198 -16.38 -27.49 -14.28
N GLU C 199 -17.36 -27.11 -13.43
CA GLU C 199 -18.05 -25.82 -13.47
C GLU C 199 -17.09 -24.69 -13.07
N THR C 200 -16.13 -25.01 -12.17
CA THR C 200 -15.10 -24.09 -11.68
C THR C 200 -14.05 -23.86 -12.77
N LYS C 201 -13.62 -24.94 -13.48
CA LYS C 201 -12.63 -24.87 -14.56
C LYS C 201 -13.12 -23.99 -15.72
N ASN C 202 -14.37 -24.20 -16.17
CA ASN C 202 -14.99 -23.43 -17.26
C ASN C 202 -15.07 -21.94 -16.89
N MET C 203 -15.27 -21.64 -15.59
CA MET C 203 -15.31 -20.29 -15.04
C MET C 203 -13.91 -19.68 -15.03
N LEU C 204 -12.88 -20.49 -14.68
CA LEU C 204 -11.48 -20.06 -14.63
C LEU C 204 -10.88 -19.90 -16.03
N ASP C 205 -11.42 -20.64 -17.03
CA ASP C 205 -10.97 -20.56 -18.43
C ASP C 205 -11.33 -19.20 -19.03
N GLN C 206 -12.53 -18.68 -18.68
CA GLN C 206 -13.04 -17.38 -19.10
C GLN C 206 -12.28 -16.27 -18.36
N PHE C 207 -11.91 -16.55 -17.09
CA PHE C 207 -11.18 -15.66 -16.19
C PHE C 207 -9.73 -15.46 -16.66
N GLU C 208 -9.16 -16.47 -17.34
CA GLU C 208 -7.79 -16.48 -17.88
C GLU C 208 -7.61 -15.42 -18.99
N ASN C 209 -8.69 -15.10 -19.73
CA ASN C 209 -8.70 -14.13 -20.82
C ASN C 209 -8.41 -12.70 -20.34
N ARG C 210 -8.78 -12.37 -19.08
CA ARG C 210 -8.60 -11.03 -18.50
C ARG C 210 -7.48 -11.03 -17.45
N TYR C 211 -7.44 -12.03 -16.56
CA TYR C 211 -6.43 -12.12 -15.50
C TYR C 211 -5.68 -13.47 -15.56
N PRO C 212 -4.68 -13.62 -16.48
CA PRO C 212 -3.94 -14.89 -16.57
C PRO C 212 -2.85 -15.05 -15.51
N ASP C 213 -2.16 -13.95 -15.14
CA ASP C 213 -1.08 -13.95 -14.16
C ASP C 213 -1.60 -14.10 -12.73
N LEU C 214 -2.84 -13.63 -12.46
CA LEU C 214 -3.51 -13.77 -11.16
C LEU C 214 -3.89 -15.25 -10.98
N LEU C 215 -4.33 -15.88 -12.07
CA LEU C 215 -4.72 -17.29 -12.15
C LEU C 215 -3.48 -18.20 -11.96
N GLU C 217 -0.64 -17.43 -10.18
CA GLU C 217 -0.21 -17.31 -8.78
C GLU C 217 -1.08 -18.17 -7.86
N VAL C 218 -2.36 -18.35 -8.21
CA VAL C 218 -3.32 -19.15 -7.46
C VAL C 218 -3.03 -20.64 -7.68
N PHE C 219 -2.87 -21.07 -8.96
CA PHE C 219 -2.59 -22.45 -9.36
C PHE C 219 -1.25 -22.97 -8.81
N ARG C 220 -0.33 -22.06 -8.43
CA ARG C 220 0.98 -22.35 -7.88
C ARG C 220 0.89 -22.98 -6.48
N HIS C 221 -0.18 -22.68 -5.72
CA HIS C 221 -0.35 -23.19 -4.35
C HIS C 221 -1.61 -24.03 -4.16
N VAL C 222 -2.76 -23.62 -4.73
CA VAL C 222 -4.02 -24.38 -4.59
C VAL C 222 -4.46 -24.96 -5.94
N THR C 223 -4.98 -26.20 -5.90
CA THR C 223 -5.46 -26.96 -7.06
C THR C 223 -6.89 -26.53 -7.44
N ILE C 224 -7.38 -27.01 -8.62
CA ILE C 224 -8.73 -26.72 -9.16
C ILE C 224 -9.80 -27.23 -8.17
N GLN C 225 -9.55 -28.40 -7.52
CA GLN C 225 -10.45 -28.99 -6.53
C GLN C 225 -10.57 -28.07 -5.30
N ARG C 226 -9.44 -27.47 -4.88
CA ARG C 226 -9.38 -26.54 -3.73
C ARG C 226 -10.15 -25.25 -4.02
N ILE C 227 -10.03 -24.72 -5.26
CA ILE C 227 -10.74 -23.51 -5.71
C ILE C 227 -12.25 -23.81 -5.76
N SER C 228 -12.61 -25.01 -6.28
CA SER C 228 -13.99 -25.49 -6.36
C SER C 228 -14.60 -25.65 -4.97
N GLU C 229 -13.82 -26.15 -3.99
CA GLU C 229 -14.23 -26.36 -2.60
C GLU C 229 -14.48 -25.01 -1.90
N VAL C 230 -13.57 -24.02 -2.09
CA VAL C 230 -13.66 -22.68 -1.50
C VAL C 230 -14.93 -21.97 -2.01
N LEU C 231 -15.15 -22.02 -3.35
CA LEU C 231 -16.30 -21.42 -4.03
C LEU C 231 -17.63 -22.05 -3.57
N GLN C 232 -17.67 -23.39 -3.42
CA GLN C 232 -18.87 -24.12 -2.97
C GLN C 232 -19.21 -23.81 -1.51
N ARG C 233 -18.18 -23.61 -0.65
CA ARG C 233 -18.35 -23.29 0.77
C ARG C 233 -18.88 -21.88 0.97
N LEU C 234 -18.56 -20.95 0.05
CA LEU C 234 -19.03 -19.56 0.08
C LEU C 234 -20.51 -19.50 -0.28
N LEU C 235 -20.91 -20.22 -1.35
CA LEU C 235 -22.30 -20.30 -1.85
C LEU C 235 -23.23 -20.98 -0.83
N GLY C 236 -22.71 -21.95 -0.06
CA GLY C 236 -23.45 -22.68 0.96
C GLY C 236 -23.90 -21.78 2.12
N GLU C 237 -23.20 -20.62 2.31
CA GLU C 237 -23.50 -19.63 3.35
C GLU C 237 -23.95 -18.29 2.72
N ASN C 238 -24.51 -18.35 1.48
CA ASN C 238 -25.04 -17.25 0.67
C ASN C 238 -24.03 -16.12 0.41
N ILE C 239 -22.97 -16.42 -0.37
CA ILE C 239 -21.95 -15.45 -0.77
C ILE C 239 -21.74 -15.58 -2.29
N SER C 240 -21.87 -14.45 -3.00
CA SER C 240 -21.70 -14.37 -4.46
C SER C 240 -20.26 -14.61 -4.89
N VAL C 241 -20.09 -15.44 -5.93
CA VAL C 241 -18.78 -15.76 -6.51
C VAL C 241 -18.60 -14.99 -7.83
N ARG C 242 -19.48 -13.99 -8.08
CA ARG C 242 -19.45 -13.13 -9.28
C ARG C 242 -18.19 -12.27 -9.28
N ASN C 243 -17.74 -11.83 -8.08
CA ASN C 243 -16.50 -11.07 -7.91
C ASN C 243 -15.39 -12.08 -7.57
N LEU C 244 -15.08 -12.95 -8.56
CA LEU C 244 -14.08 -14.01 -8.47
C LEU C 244 -12.67 -13.42 -8.34
N LYS C 245 -12.42 -12.23 -8.94
CA LYS C 245 -11.15 -11.50 -8.89
C LYS C 245 -10.72 -11.25 -7.43
N LEU C 246 -11.66 -10.83 -6.57
CA LEU C 246 -11.43 -10.57 -5.15
C LEU C 246 -11.19 -11.88 -4.38
N ILE C 247 -11.91 -12.96 -4.75
CA ILE C 247 -11.78 -14.29 -4.13
C ILE C 247 -10.38 -14.85 -4.48
N MET C 248 -9.98 -14.76 -5.77
CA MET C 248 -8.68 -15.22 -6.28
C MET C 248 -7.53 -14.42 -5.66
N GLU C 249 -7.71 -13.09 -5.49
CA GLU C 249 -6.71 -12.19 -4.87
C GLU C 249 -6.48 -12.58 -3.42
N SER C 250 -7.55 -12.99 -2.70
CA SER C 250 -7.51 -13.43 -1.32
C SER C 250 -6.80 -14.78 -1.21
N LEU C 251 -7.09 -15.71 -2.16
CA LEU C 251 -6.48 -17.04 -2.22
C LEU C 251 -4.98 -16.94 -2.49
N ALA C 252 -4.57 -16.12 -3.49
CA ALA C 252 -3.17 -15.91 -3.88
C ALA C 252 -2.29 -15.32 -2.74
N LEU C 253 -2.93 -14.70 -1.74
CA LEU C 253 -2.27 -14.09 -0.59
C LEU C 253 -2.19 -15.05 0.62
N TRP C 254 -3.26 -15.86 0.85
CA TRP C 254 -3.35 -16.75 2.01
C TRP C 254 -3.02 -18.23 1.72
N ALA C 255 -3.07 -18.68 0.45
CA ALA C 255 -2.76 -20.08 0.08
C ALA C 255 -1.29 -20.47 0.38
N PRO C 256 -0.27 -19.57 0.24
CA PRO C 256 1.10 -19.99 0.60
C PRO C 256 1.30 -20.07 2.12
N ARG C 257 0.38 -19.47 2.91
CA ARG C 257 0.43 -19.44 4.37
C ARG C 257 -0.40 -20.57 5.01
N GLU C 258 -1.65 -20.77 4.52
CA GLU C 258 -2.58 -21.77 5.06
C GLU C 258 -2.82 -22.93 4.09
N ASP C 260 -5.37 -25.62 5.26
CA ASP C 260 -6.76 -25.95 5.58
C ASP C 260 -7.73 -25.04 4.81
N VAL C 261 -8.56 -25.67 3.95
CA VAL C 261 -9.55 -25.03 3.08
C VAL C 261 -10.61 -24.29 3.92
N ILE C 262 -11.06 -24.88 5.05
CA ILE C 262 -12.06 -24.32 5.95
C ILE C 262 -11.59 -22.95 6.51
N THR C 263 -10.29 -22.85 6.92
CA THR C 263 -9.72 -21.59 7.44
C THR C 263 -9.38 -20.64 6.29
N LEU C 264 -9.13 -21.20 5.08
CA LEU C 264 -8.82 -20.43 3.88
C LEU C 264 -10.08 -19.70 3.37
N VAL C 265 -11.27 -20.30 3.59
CA VAL C 265 -12.58 -19.74 3.24
C VAL C 265 -12.85 -18.54 4.17
N GLU C 266 -12.48 -18.66 5.46
CA GLU C 266 -12.63 -17.63 6.49
C GLU C 266 -11.87 -16.35 6.12
N HIS C 267 -10.70 -16.49 5.47
CA HIS C 267 -9.87 -15.37 5.01
C HIS C 267 -10.54 -14.66 3.81
N VAL C 268 -11.21 -15.44 2.92
CA VAL C 268 -11.94 -14.95 1.75
C VAL C 268 -13.16 -14.15 2.23
N ARG C 269 -13.81 -14.61 3.33
CA ARG C 269 -14.96 -13.96 3.96
C ARG C 269 -14.58 -12.60 4.56
N ALA C 270 -13.34 -12.49 5.10
CA ALA C 270 -12.80 -11.27 5.70
C ALA C 270 -12.58 -10.19 4.64
N SER C 271 -12.15 -10.59 3.42
CA SER C 271 -11.94 -9.66 2.30
C SER C 271 -13.27 -9.27 1.64
N LEU C 272 -14.32 -10.09 1.86
CA LEU C 272 -15.68 -9.86 1.34
C LEU C 272 -16.61 -9.29 2.43
N SER C 273 -16.03 -8.69 3.49
CA SER C 273 -16.75 -8.10 4.64
C SER C 273 -17.70 -6.97 4.23
N ARG C 274 -17.30 -6.15 3.22
CA ARG C 274 -18.09 -5.04 2.71
C ARG C 274 -19.35 -5.54 1.98
N TYR C 275 -19.23 -6.65 1.23
CA TYR C 275 -20.35 -7.27 0.51
C TYR C 275 -21.31 -7.97 1.49
N ILE C 276 -20.74 -8.73 2.45
CA ILE C 276 -21.46 -9.48 3.48
C ILE C 276 -22.37 -8.55 4.29
N CYS C 277 -21.82 -7.39 4.74
CA CYS C 277 -22.54 -6.39 5.52
C CYS C 277 -23.68 -5.76 4.72
N SER C 278 -23.45 -5.48 3.42
CA SER C 278 -24.40 -4.86 2.50
C SER C 278 -25.69 -5.69 2.30
N LYS C 279 -25.56 -7.03 2.20
CA LYS C 279 -26.68 -7.95 1.99
C LYS C 279 -27.47 -8.24 3.29
N ILE C 280 -26.88 -7.98 4.48
CA ILE C 280 -27.55 -8.24 5.76
C ILE C 280 -28.01 -6.94 6.45
N ALA C 281 -27.67 -5.76 5.88
CA ALA C 281 -28.06 -4.47 6.45
C ALA C 281 -29.34 -3.91 5.84
N VAL C 282 -30.18 -3.29 6.68
CA VAL C 282 -31.43 -2.65 6.30
C VAL C 282 -31.40 -1.21 6.87
N SER C 283 -31.47 -0.21 5.96
CA SER C 283 -31.44 1.24 6.22
C SER C 283 -30.12 1.67 6.93
N GLY C 284 -29.03 0.90 6.73
CA GLY C 284 -27.72 1.19 7.30
C GLY C 284 -27.35 0.38 8.55
N GLU C 285 -28.36 -0.13 9.29
CA GLU C 285 -28.15 -0.90 10.52
C GLU C 285 -28.24 -2.42 10.31
N ILE C 286 -27.53 -3.19 11.16
CA ILE C 286 -27.51 -4.65 11.15
C ILE C 286 -28.03 -5.15 12.51
N VAL C 288 -28.12 -7.78 15.03
CA VAL C 288 -27.35 -8.98 15.42
C VAL C 288 -27.90 -9.60 16.71
N VAL C 289 -27.59 -10.89 16.92
CA VAL C 289 -27.92 -11.66 18.11
C VAL C 289 -26.59 -12.30 18.55
N MET C 290 -25.94 -11.68 19.54
CA MET C 290 -24.65 -12.08 20.05
C MET C 290 -24.75 -13.24 21.06
N LEU C 291 -23.60 -13.84 21.41
CA LEU C 291 -23.50 -14.95 22.35
C LEU C 291 -22.85 -14.51 23.66
N SER C 292 -23.33 -15.07 24.78
CA SER C 292 -22.80 -14.80 26.12
C SER C 292 -21.42 -15.44 26.30
N GLY C 293 -20.63 -14.94 27.27
CA GLY C 293 -19.29 -15.44 27.58
C GLY C 293 -19.24 -16.95 27.85
N TYR C 294 -20.26 -17.50 28.54
CA TYR C 294 -20.38 -18.91 28.89
C TYR C 294 -20.58 -19.79 27.65
N ILE C 295 -21.59 -19.46 26.80
CA ILE C 295 -21.93 -20.22 25.59
C ILE C 295 -20.75 -20.12 24.58
N GLU C 296 -20.09 -18.95 24.50
CA GLU C 296 -18.94 -18.70 23.63
C GLU C 296 -17.74 -19.59 24.02
N ASP C 297 -17.53 -19.80 25.34
CA ASP C 297 -16.44 -20.61 25.88
C ASP C 297 -16.77 -22.10 25.83
N ALA C 298 -18.08 -22.45 25.90
CA ALA C 298 -18.58 -23.84 25.85
C ALA C 298 -18.33 -24.45 24.47
N ILE C 299 -18.49 -23.65 23.40
CA ILE C 299 -18.28 -24.06 22.01
C ILE C 299 -16.77 -24.18 21.75
N ARG C 300 -15.98 -23.22 22.29
CA ARG C 300 -14.51 -23.16 22.19
C ARG C 300 -13.85 -24.45 22.68
N GLY C 302 -15.58 -27.42 22.85
CA GLY C 302 -16.22 -28.49 22.08
C GLY C 302 -15.41 -28.88 20.83
N ILE C 303 -14.45 -28.01 20.43
CA ILE C 303 -13.56 -28.21 19.28
C ILE C 303 -12.53 -29.30 19.63
N ARG C 304 -12.47 -30.35 18.81
CA ARG C 304 -11.57 -31.49 18.98
C ARG C 304 -10.92 -31.87 17.62
N GLN C 305 -9.65 -32.28 17.67
CA GLN C 305 -8.88 -32.67 16.47
C GLN C 305 -9.23 -34.10 16.06
N MET C 314 -11.26 -29.76 14.43
CA MET C 314 -11.67 -30.32 13.15
C MET C 314 -13.19 -30.54 13.10
N ASP C 315 -13.78 -31.05 14.20
CA ASP C 315 -15.21 -31.30 14.33
C ASP C 315 -15.72 -30.81 15.69
N ILE C 316 -16.99 -30.36 15.75
CA ILE C 316 -17.60 -29.82 16.96
C ILE C 316 -18.55 -30.85 17.61
N GLU C 317 -18.51 -30.91 18.96
CA GLU C 317 -19.33 -31.77 19.81
C GLU C 317 -19.60 -31.06 21.15
N VAL C 318 -20.87 -30.68 21.40
CA VAL C 318 -21.27 -29.97 22.63
C VAL C 318 -22.42 -30.73 23.32
N SER C 319 -22.63 -30.46 24.64
CA SER C 319 -23.67 -31.08 25.47
C SER C 319 -25.06 -30.59 25.07
N ASP C 320 -26.11 -31.37 25.44
CA ASP C 320 -27.51 -31.08 25.16
C ASP C 320 -28.01 -29.81 25.86
N GLU C 321 -27.47 -29.50 27.06
CA GLU C 321 -27.83 -28.32 27.86
C GLU C 321 -27.48 -27.01 27.14
N VAL C 322 -26.26 -26.93 26.55
CA VAL C 322 -25.76 -25.76 25.81
C VAL C 322 -26.56 -25.64 24.50
N MET C 323 -26.83 -26.79 23.84
CA MET C 323 -27.59 -26.88 22.59
C MET C 323 -29.03 -26.40 22.76
N GLU C 324 -29.69 -26.77 23.88
CA GLU C 324 -31.07 -26.39 24.19
C GLU C 324 -31.18 -24.90 24.49
N THR C 325 -30.20 -24.33 25.24
CA THR C 325 -30.14 -22.91 25.60
C THR C 325 -30.03 -22.05 24.33
N LEU C 326 -29.24 -22.52 23.34
CA LEU C 326 -29.04 -21.85 22.06
C LEU C 326 -30.26 -21.97 21.16
N ALA C 327 -30.82 -23.19 21.02
CA ALA C 327 -31.99 -23.48 20.17
C ALA C 327 -33.28 -22.77 20.64
N HIS C 328 -33.57 -22.79 21.96
CA HIS C 328 -34.75 -22.16 22.55
C HIS C 328 -34.76 -20.65 22.32
N ALA C 329 -33.58 -20.00 22.42
CA ALA C 329 -33.42 -18.55 22.22
C ALA C 329 -33.64 -18.18 20.75
N LEU C 330 -33.18 -19.03 19.80
CA LEU C 330 -33.34 -18.81 18.37
C LEU C 330 -34.79 -19.04 17.94
N ARG C 331 -35.47 -20.04 18.55
CA ARG C 331 -36.87 -20.38 18.31
C ARG C 331 -37.79 -19.25 18.78
N GLU C 332 -37.43 -18.61 19.91
CA GLU C 332 -38.15 -17.49 20.53
C GLU C 332 -38.13 -16.24 19.64
N LEU C 333 -37.03 -16.06 18.88
CA LEU C 333 -36.86 -14.92 17.96
C LEU C 333 -37.45 -15.21 16.58
N ARG C 334 -37.37 -16.47 16.11
CA ARG C 334 -37.90 -16.91 14.80
C ARG C 334 -39.43 -16.93 14.79
N ASN C 335 -40.07 -17.45 15.87
CA ASN C 335 -41.52 -17.53 16.00
C ASN C 335 -42.14 -16.14 16.22
N ALA C 336 -41.36 -15.19 16.79
CA ALA C 336 -41.78 -13.81 16.99
C ALA C 336 -41.73 -13.04 15.65
N ASN C 339 -36.21 -10.72 11.95
CA ASN C 339 -35.16 -10.99 10.97
C ASN C 339 -33.81 -10.55 11.55
N PHE C 340 -32.89 -11.52 11.75
CA PHE C 340 -31.58 -11.26 12.37
C PHE C 340 -30.46 -12.13 11.78
N VAL C 341 -29.23 -11.87 12.27
CA VAL C 341 -27.98 -12.55 11.91
C VAL C 341 -27.21 -12.80 13.23
N LEU C 342 -26.67 -14.02 13.41
CA LEU C 342 -25.93 -14.37 14.62
C LEU C 342 -24.48 -13.87 14.53
N LEU C 343 -24.05 -13.08 15.53
CA LEU C 343 -22.71 -12.52 15.60
C LEU C 343 -21.90 -13.23 16.69
N VAL C 344 -20.85 -13.97 16.29
CA VAL C 344 -19.98 -14.75 17.18
C VAL C 344 -18.49 -14.40 16.97
N SER C 345 -17.59 -15.09 17.71
CA SER C 345 -16.14 -14.91 17.62
C SER C 345 -15.60 -15.50 16.31
N VAL C 346 -14.42 -15.01 15.86
CA VAL C 346 -13.76 -15.40 14.60
C VAL C 346 -13.34 -16.89 14.62
N ASP C 347 -12.74 -17.35 15.73
CA ASP C 347 -12.21 -18.71 15.91
C ASP C 347 -13.29 -19.80 15.98
N ILE C 348 -14.51 -19.48 16.46
CA ILE C 348 -15.59 -20.47 16.61
C ILE C 348 -16.70 -20.34 15.55
N ARG C 349 -16.65 -19.30 14.69
CA ARG C 349 -17.66 -18.99 13.66
C ARG C 349 -18.03 -20.20 12.78
N ARG C 350 -17.04 -20.97 12.30
CA ARG C 350 -17.25 -22.14 11.45
C ARG C 350 -17.87 -23.32 12.23
N PHE C 351 -17.57 -23.42 13.54
CA PHE C 351 -18.05 -24.49 14.42
C PHE C 351 -19.49 -24.22 14.90
N VAL C 352 -19.85 -22.94 15.11
CA VAL C 352 -21.19 -22.51 15.54
C VAL C 352 -22.20 -22.82 14.41
N ARG C 354 -22.08 -25.21 12.17
CA ARG C 354 -22.28 -26.66 12.11
C ARG C 354 -23.29 -27.14 13.15
N LEU C 355 -23.35 -26.47 14.31
CA LEU C 355 -24.25 -26.80 15.43
C LEU C 355 -25.71 -26.39 15.16
N ILE C 356 -25.94 -25.46 14.22
CA ILE C 356 -27.29 -24.96 13.90
C ILE C 356 -27.76 -25.38 12.48
N ASP C 357 -26.82 -25.70 11.57
CA ASP C 357 -27.02 -26.07 10.15
C ASP C 357 -28.29 -26.91 9.88
N ASN C 358 -28.52 -28.00 10.63
CA ASN C 358 -29.66 -28.89 10.43
C ASN C 358 -30.98 -28.37 11.05
N ARG C 359 -30.91 -27.78 12.26
CA ARG C 359 -32.10 -27.27 12.96
C ARG C 359 -32.58 -25.92 12.40
N PHE C 360 -31.65 -24.99 12.14
CA PHE C 360 -31.96 -23.65 11.62
C PHE C 360 -31.15 -23.40 10.33
N SER C 362 -32.26 -20.87 7.62
CA SER C 362 -32.41 -19.49 7.14
C SER C 362 -31.44 -18.51 7.82
N ILE C 363 -31.01 -18.79 9.06
CA ILE C 363 -30.09 -17.94 9.84
C ILE C 363 -28.66 -17.97 9.26
N LEU C 364 -28.01 -16.80 9.23
CA LEU C 364 -26.64 -16.60 8.75
C LEU C 364 -25.72 -16.28 9.93
N VAL C 365 -24.57 -16.96 10.02
CA VAL C 365 -23.59 -16.77 11.10
C VAL C 365 -22.43 -15.92 10.56
N ILE C 366 -22.18 -14.75 11.19
CA ILE C 366 -21.14 -13.78 10.80
C ILE C 366 -20.20 -13.52 12.02
N SER C 367 -18.89 -13.41 11.76
CA SER C 367 -17.88 -13.13 12.79
C SER C 367 -17.61 -11.62 12.92
N TYR C 368 -16.82 -11.21 13.94
CA TYR C 368 -16.47 -9.81 14.19
C TYR C 368 -15.55 -9.26 13.08
N ALA C 369 -14.68 -10.12 12.52
CA ALA C 369 -13.74 -9.77 11.45
C ALA C 369 -14.46 -9.47 10.12
N GLU C 370 -15.67 -10.03 9.94
CA GLU C 370 -16.50 -9.85 8.75
C GLU C 370 -17.42 -8.61 8.86
N ILE C 371 -17.36 -7.89 10.01
CA ILE C 371 -18.15 -6.68 10.24
C ILE C 371 -17.31 -5.46 9.87
N ASP C 372 -17.84 -4.65 8.93
CA ASP C 372 -17.21 -3.44 8.42
C ASP C 372 -17.71 -2.20 9.17
N GLU C 373 -16.91 -1.12 9.18
CA GLU C 373 -17.24 0.15 9.82
C GLU C 373 -18.34 0.91 9.04
N ALA C 374 -18.85 2.02 9.61
CA ALA C 374 -19.94 2.87 9.10
C ALA C 374 -21.32 2.17 9.13
N TYR C 375 -21.34 0.90 9.61
CA TYR C 375 -22.53 0.09 9.78
C TYR C 375 -22.92 0.04 11.25
N THR C 376 -24.17 0.44 11.56
CA THR C 376 -24.68 0.46 12.94
C THR C 376 -25.00 -0.98 13.37
N ILE C 377 -24.32 -1.46 14.42
CA ILE C 377 -24.51 -2.81 14.95
C ILE C 377 -25.54 -2.74 16.08
N ASN C 378 -26.73 -3.32 15.86
CA ASN C 378 -27.83 -3.33 16.82
C ASN C 378 -28.04 -4.74 17.39
N VAL C 379 -27.70 -4.94 18.67
CA VAL C 379 -27.84 -6.23 19.36
C VAL C 379 -29.30 -6.39 19.86
N LEU C 380 -29.92 -7.54 19.52
CA LEU C 380 -31.31 -7.86 19.90
C LEU C 380 -31.36 -8.73 21.14
N THR C 382 -28.65 -11.54 23.80
CA THR C 382 -27.39 -12.21 24.14
C THR C 382 -27.73 -13.58 24.76
N ILE C 383 -27.50 -14.66 23.99
CA ILE C 383 -27.79 -16.04 24.41
C ILE C 383 -26.74 -16.47 25.46
#